data_4WZI
#
_entry.id   4WZI
#
_cell.length_a   137.830
_cell.length_b   137.830
_cell.length_c   141.740
_cell.angle_alpha   90.00
_cell.angle_beta   90.00
_cell.angle_gamma   120.00
#
_symmetry.space_group_name_H-M   'P 32 2 1'
#
loop_
_entity.id
_entity.type
_entity.pdbx_description
1 polymer "cAMP-specific 3',5'-cyclic phosphodiesterase 4B"
2 non-polymer 'ZINC ION'
3 non-polymer 'SODIUM ION'
4 non-polymer 'MAGNESIUM ION'
5 non-polymer 'IODIDE ION'
6 water water
#
_entity_poly.entity_id   1
_entity_poly.type   'polypeptide(L)'
_entity_poly.pdbx_seq_one_letter_code
;MAGLNDIFEAQKIEWHENLYFQGSDYKDDDDKDLVPRGSMATFPGHSQRREAFLYRSDSDYDLSPKAMSRNSSLPSEQHG
DDLIVTPFAQVLASLRSVRNNFTILTNLHGTSNKRSPAASQPPVSRVNPQEESYQKLAMETLEELDWALDQLETIQTYRS
VSEMASNKFKRMLNRELTHLSEMSRCGNQVSEYISNTFLDKQNDVEIPSPTQKDREKKKKQQLMTQISGVKKLMHSSSLN
NTSISRFGVNTENEDHLAKELEDLNKWGLNIFNVAGYSHNRPLTAIMYAIFQERDLLKTFRISSDTFITYMMTLEDHYHS
DVAYHNSLHAADVAQSTHVLLSTPALDAVFTDLEILAAIFAAAIHDVDHPGVSNQFLINTNSELALMYNDESVLENHHLA
VGFKLLQEEHADIFMNLTKKQRQTLRKMVIDMVLATDMSKHMSLLADLKTMVETKKVTSSGVLLLDNYTDRIQVLRNMVH
AADLSNPTKSLELYRQWTDRIMEEFFQQGDKERERGMEISPMADKHTACVEKSQVGFIDYIVHPLWETWADLVQPDAQDI
LDTLEDNRNWYQAMIPQAPAPPLDEQNRDAQGLMEKFQFELTLDEEDSEGPEKEGEGHSYFSSTKTLAVIDPENRDSLGE
TDIDIATEDKSPVDT
;
_entity_poly.pdbx_strand_id   A,B
#
# COMPACT_ATOMS: atom_id res chain seq x y z
N VAL A 85 10.74 14.27 -18.73
CA VAL A 85 10.22 15.26 -17.79
C VAL A 85 8.90 14.79 -17.12
N THR A 86 8.81 14.95 -15.77
CA THR A 86 7.64 14.59 -14.96
C THR A 86 6.50 15.57 -15.24
N PRO A 87 5.25 15.07 -15.37
CA PRO A 87 4.12 15.94 -15.75
C PRO A 87 3.85 17.14 -14.85
N PHE A 88 3.87 16.97 -13.52
CA PHE A 88 3.59 18.08 -12.58
C PHE A 88 4.65 19.20 -12.65
N ALA A 89 5.91 18.85 -12.97
CA ALA A 89 7.01 19.83 -13.10
C ALA A 89 6.81 20.64 -14.38
N GLN A 90 6.30 19.98 -15.42
CA GLN A 90 6.01 20.50 -16.76
C GLN A 90 4.88 21.54 -16.70
N VAL A 91 3.79 21.18 -16.02
CA VAL A 91 2.59 22.01 -15.84
C VAL A 91 2.94 23.25 -15.04
N LEU A 92 3.65 23.08 -13.90
CA LEU A 92 4.10 24.18 -13.03
C LEU A 92 5.04 25.15 -13.76
N ALA A 93 6.00 24.64 -14.57
CA ALA A 93 6.94 25.46 -15.33
C ALA A 93 6.21 26.31 -16.38
N SER A 94 5.22 25.71 -17.09
CA SER A 94 4.43 26.43 -18.10
C SER A 94 3.46 27.43 -17.45
N LEU A 95 2.92 27.11 -16.25
CA LEU A 95 2.03 28.00 -15.49
C LEU A 95 2.81 29.20 -14.93
N ARG A 96 4.09 28.97 -14.59
CA ARG A 96 5.02 30.00 -14.11
C ARG A 96 5.37 30.96 -15.24
N SER A 97 5.56 30.46 -16.49
CA SER A 97 5.84 31.34 -17.66
C SER A 97 4.60 32.15 -18.10
N VAL A 98 3.38 31.58 -17.94
CA VAL A 98 2.10 32.25 -18.23
C VAL A 98 1.97 33.45 -17.28
N ARG A 99 2.24 33.23 -15.96
CA ARG A 99 2.21 34.23 -14.89
C ARG A 99 3.25 35.35 -15.13
N ASN A 100 4.48 34.97 -15.56
CA ASN A 100 5.61 35.85 -15.89
C ASN A 100 5.28 36.79 -17.06
N ASN A 101 4.46 36.30 -17.99
CA ASN A 101 4.04 37.01 -19.20
C ASN A 101 2.75 37.79 -18.98
N PHE A 102 1.92 37.36 -17.99
CA PHE A 102 0.67 38.03 -17.60
C PHE A 102 1.02 39.43 -17.05
N THR A 103 2.11 39.50 -16.25
CA THR A 103 2.65 40.72 -15.63
C THR A 103 3.11 41.71 -16.69
N ILE A 104 3.64 41.20 -17.83
CA ILE A 104 4.09 42.02 -18.96
C ILE A 104 2.88 42.72 -19.66
N GLN A 135 -7.22 47.95 -14.82
CA GLN A 135 -6.19 47.82 -13.79
C GLN A 135 -6.65 46.99 -12.59
N LYS A 136 -7.90 47.25 -12.11
CA LYS A 136 -8.54 46.52 -11.00
C LYS A 136 -8.72 45.06 -11.41
N LEU A 137 -9.12 44.79 -12.67
CA LEU A 137 -9.31 43.44 -13.21
C LEU A 137 -7.96 42.74 -13.38
N ALA A 138 -6.93 43.45 -13.85
CA ALA A 138 -5.58 42.94 -14.05
C ALA A 138 -4.90 42.54 -12.73
N MET A 139 -5.10 43.37 -11.69
CA MET A 139 -4.52 43.16 -10.36
C MET A 139 -5.22 42.06 -9.56
N GLU A 140 -6.58 42.01 -9.61
CA GLU A 140 -7.39 41.01 -8.91
C GLU A 140 -7.17 39.60 -9.46
N THR A 141 -6.90 39.49 -10.78
CA THR A 141 -6.65 38.21 -11.44
C THR A 141 -5.25 37.69 -11.16
N LEU A 142 -4.23 38.61 -11.08
CA LEU A 142 -2.85 38.24 -10.74
C LEU A 142 -2.80 37.68 -9.31
N GLU A 143 -3.61 38.27 -8.41
CA GLU A 143 -3.81 37.87 -7.02
C GLU A 143 -4.40 36.44 -6.97
N GLU A 144 -5.45 36.17 -7.78
CA GLU A 144 -6.12 34.86 -7.86
C GLU A 144 -5.21 33.79 -8.48
N LEU A 145 -4.38 34.17 -9.47
CA LEU A 145 -3.42 33.29 -10.14
C LEU A 145 -2.34 32.88 -9.14
N ASP A 146 -1.74 33.87 -8.41
CA ASP A 146 -0.70 33.68 -7.39
C ASP A 146 -1.16 32.78 -6.22
N TRP A 147 -2.45 32.89 -5.82
CA TRP A 147 -3.08 32.07 -4.78
C TRP A 147 -3.19 30.63 -5.28
N ALA A 148 -3.76 30.42 -6.50
CA ALA A 148 -3.95 29.11 -7.12
C ALA A 148 -2.62 28.39 -7.38
N LEU A 149 -1.60 29.11 -7.89
CA LEU A 149 -0.27 28.55 -8.16
C LEU A 149 0.44 28.13 -6.88
N ASP A 150 0.30 28.92 -5.80
CA ASP A 150 0.88 28.58 -4.49
C ASP A 150 0.17 27.36 -3.92
N GLN A 151 -1.20 27.37 -3.91
CA GLN A 151 -2.03 26.26 -3.45
C GLN A 151 -1.77 24.96 -4.22
N LEU A 152 -1.48 25.05 -5.54
CA LEU A 152 -1.14 23.90 -6.37
C LEU A 152 0.11 23.20 -5.80
N GLU A 153 1.15 23.97 -5.48
CA GLU A 153 2.41 23.45 -4.93
C GLU A 153 2.25 22.87 -3.52
N THR A 154 1.68 23.66 -2.59
CA THR A 154 1.52 23.32 -1.17
C THR A 154 0.59 22.12 -0.94
N ILE A 155 -0.53 22.03 -1.70
CA ILE A 155 -1.53 20.98 -1.57
C ILE A 155 -1.02 19.62 -2.07
N GLN A 156 0.13 19.63 -2.75
CA GLN A 156 0.77 18.44 -3.26
C GLN A 156 1.62 17.75 -2.17
N THR A 157 1.72 16.42 -2.26
CA THR A 157 2.54 15.61 -1.35
C THR A 157 3.59 14.88 -2.20
N TYR A 158 4.35 13.97 -1.63
CA TYR A 158 5.34 13.24 -2.42
C TYR A 158 4.67 12.19 -3.29
N ARG A 159 3.63 11.50 -2.74
CA ARG A 159 2.92 10.46 -3.45
C ARG A 159 1.96 10.98 -4.53
N SER A 160 1.32 12.16 -4.33
CA SER A 160 0.40 12.72 -5.32
C SER A 160 1.15 13.09 -6.61
N VAL A 161 2.34 13.75 -6.45
CA VAL A 161 3.26 14.14 -7.53
C VAL A 161 3.72 12.87 -8.28
N SER A 162 4.11 11.82 -7.51
CA SER A 162 4.60 10.52 -7.98
C SER A 162 3.60 9.79 -8.85
N GLU A 163 2.33 9.67 -8.40
CA GLU A 163 1.29 8.96 -9.17
C GLU A 163 0.99 9.59 -10.53
N MET A 164 1.12 10.93 -10.66
CA MET A 164 0.91 11.58 -11.95
C MET A 164 1.93 11.05 -12.98
N ALA A 165 3.23 11.01 -12.55
CA ALA A 165 4.40 10.58 -13.31
C ALA A 165 4.41 9.08 -13.61
N SER A 166 4.18 8.20 -12.59
CA SER A 166 4.17 6.75 -12.80
C SER A 166 3.07 6.30 -13.76
N ASN A 167 1.86 6.87 -13.61
CA ASN A 167 0.72 6.59 -14.49
C ASN A 167 1.04 6.98 -15.95
N LYS A 168 1.74 8.13 -16.14
CA LYS A 168 2.19 8.61 -17.45
C LYS A 168 3.20 7.62 -18.06
N PHE A 169 4.20 7.19 -17.23
CA PHE A 169 5.25 6.23 -17.62
C PHE A 169 4.68 4.86 -17.99
N LYS A 170 3.67 4.39 -17.22
CA LYS A 170 2.97 3.12 -17.45
C LYS A 170 2.27 3.11 -18.80
N ARG A 171 1.56 4.21 -19.17
CA ARG A 171 0.85 4.29 -20.47
C ARG A 171 1.84 4.45 -21.64
N MET A 172 2.99 5.13 -21.43
CA MET A 172 4.07 5.25 -22.43
C MET A 172 4.60 3.83 -22.79
N LEU A 173 4.89 2.96 -21.75
CA LEU A 173 5.39 1.60 -21.97
C LEU A 173 4.32 0.70 -22.59
N ASN A 174 3.07 0.82 -22.11
CA ASN A 174 1.95 0.05 -22.66
C ASN A 174 1.79 0.25 -24.20
N ARG A 175 2.09 1.47 -24.74
CA ARG A 175 2.05 1.79 -26.19
C ARG A 175 3.17 1.04 -26.94
N GLU A 176 4.41 1.15 -26.41
CA GLU A 176 5.61 0.54 -26.97
C GLU A 176 5.53 -0.97 -27.03
N LEU A 177 4.80 -1.61 -26.09
CA LEU A 177 4.64 -3.07 -26.07
C LEU A 177 3.56 -3.55 -27.02
N THR A 178 2.43 -2.80 -27.12
CA THR A 178 1.34 -3.10 -28.06
C THR A 178 1.90 -3.19 -29.49
N HIS A 179 2.87 -2.31 -29.82
CA HIS A 179 3.55 -2.35 -31.11
C HIS A 179 4.40 -3.60 -31.25
N LEU A 180 5.27 -3.86 -30.24
CA LEU A 180 6.18 -4.99 -30.17
C LEU A 180 5.43 -6.33 -30.31
N SER A 181 4.22 -6.42 -29.73
CA SER A 181 3.34 -7.58 -29.75
C SER A 181 2.88 -7.96 -31.18
N GLU A 182 2.75 -6.95 -32.05
CA GLU A 182 2.32 -7.09 -33.44
C GLU A 182 3.43 -7.55 -34.38
N MET A 183 4.70 -7.36 -33.97
CA MET A 183 5.88 -7.70 -34.75
C MET A 183 6.06 -9.17 -35.08
N SER A 184 6.13 -10.04 -34.05
CA SER A 184 6.36 -11.49 -34.21
C SER A 184 5.80 -12.26 -33.03
N ARG A 185 5.91 -13.62 -33.03
CA ARG A 185 5.49 -14.43 -31.87
C ARG A 185 6.42 -14.16 -30.69
N CYS A 186 7.71 -13.84 -30.99
CA CYS A 186 8.79 -13.49 -30.07
C CYS A 186 8.52 -12.12 -29.46
N GLY A 187 8.17 -11.14 -30.31
CA GLY A 187 7.83 -9.78 -29.92
C GLY A 187 6.64 -9.73 -28.99
N ASN A 188 5.72 -10.68 -29.17
CA ASN A 188 4.52 -10.87 -28.36
C ASN A 188 4.87 -11.49 -26.99
N GLN A 189 5.74 -12.52 -26.93
CA GLN A 189 6.05 -13.07 -25.62
C GLN A 189 6.95 -12.14 -24.80
N VAL A 190 7.80 -11.33 -25.47
CA VAL A 190 8.64 -10.33 -24.78
C VAL A 190 7.73 -9.24 -24.20
N SER A 191 6.74 -8.78 -24.98
CA SER A 191 5.78 -7.77 -24.53
C SER A 191 4.95 -8.29 -23.37
N GLU A 192 4.53 -9.57 -23.42
CA GLU A 192 3.77 -10.19 -22.33
C GLU A 192 4.61 -10.34 -21.05
N TYR A 193 5.90 -10.73 -21.16
CA TYR A 193 6.80 -10.83 -20.03
C TYR A 193 6.95 -9.49 -19.31
N ILE A 194 7.31 -8.42 -20.06
CA ILE A 194 7.55 -7.09 -19.55
C ILE A 194 6.29 -6.47 -18.95
N SER A 195 5.16 -6.60 -19.63
CA SER A 195 3.86 -6.09 -19.16
C SER A 195 3.45 -6.73 -17.82
N ASN A 196 3.59 -8.06 -17.70
CA ASN A 196 3.21 -8.81 -16.50
C ASN A 196 4.12 -8.61 -15.29
N THR A 197 5.40 -8.30 -15.54
CA THR A 197 6.40 -8.15 -14.49
C THR A 197 6.57 -6.70 -14.00
N PHE A 198 6.66 -5.73 -14.94
CA PHE A 198 7.03 -4.34 -14.65
C PHE A 198 5.88 -3.34 -14.64
N LEU A 199 4.67 -3.81 -14.95
CA LEU A 199 3.45 -2.99 -14.93
C LEU A 199 2.49 -3.55 -13.86
N ASP A 200 1.50 -2.76 -13.42
CA ASP A 200 0.56 -3.19 -12.38
C ASP A 200 -0.81 -3.66 -12.90
N LYS A 201 -1.50 -4.52 -12.10
CA LYS A 201 -2.82 -5.11 -12.38
C LYS A 201 -2.82 -6.04 -13.59
N GLU A 252 -41.10 -21.39 20.06
CA GLU A 252 -40.51 -21.05 21.37
C GLU A 252 -39.56 -19.83 21.27
N ASN A 253 -38.22 -20.08 21.27
CA ASN A 253 -37.19 -19.07 21.11
C ASN A 253 -37.17 -18.69 19.63
N GLU A 254 -37.36 -19.69 18.74
CA GLU A 254 -37.41 -19.52 17.27
C GLU A 254 -38.53 -18.57 16.84
N ASP A 255 -39.62 -18.48 17.65
CA ASP A 255 -40.75 -17.59 17.46
C ASP A 255 -40.32 -16.15 17.76
N HIS A 256 -39.56 -15.97 18.86
CA HIS A 256 -39.00 -14.67 19.28
C HIS A 256 -37.99 -14.15 18.27
N LEU A 257 -37.18 -15.07 17.69
CA LEU A 257 -36.17 -14.79 16.69
C LEU A 257 -36.85 -14.31 15.42
N ALA A 258 -37.91 -15.01 14.98
CA ALA A 258 -38.67 -14.65 13.78
C ALA A 258 -39.29 -13.27 13.93
N LYS A 259 -39.76 -12.95 15.16
CA LYS A 259 -40.34 -11.64 15.54
C LYS A 259 -39.26 -10.54 15.42
N GLU A 260 -38.05 -10.76 15.97
CA GLU A 260 -36.94 -9.80 15.84
C GLU A 260 -36.54 -9.65 14.39
N LEU A 261 -36.46 -10.76 13.64
CA LEU A 261 -36.02 -10.76 12.22
C LEU A 261 -36.99 -10.04 11.28
N GLU A 262 -38.14 -9.56 11.79
CA GLU A 262 -39.09 -8.75 11.02
C GLU A 262 -38.48 -7.37 10.77
N ASP A 263 -37.53 -6.97 11.64
CA ASP A 263 -36.80 -5.69 11.52
C ASP A 263 -35.50 -5.78 10.71
N LEU A 264 -35.26 -6.93 10.03
CA LEU A 264 -34.08 -7.18 9.18
C LEU A 264 -33.71 -6.01 8.26
N ASN A 265 -34.70 -5.43 7.58
CA ASN A 265 -34.54 -4.36 6.61
C ASN A 265 -34.58 -2.96 7.23
N LYS A 266 -34.61 -2.91 8.56
CA LYS A 266 -34.67 -1.65 9.30
C LYS A 266 -33.36 -1.33 10.04
N TRP A 267 -33.01 -0.03 10.07
CA TRP A 267 -31.90 0.54 10.80
C TRP A 267 -32.23 0.40 12.27
N GLY A 268 -31.30 -0.05 13.06
CA GLY A 268 -31.59 -0.20 14.48
C GLY A 268 -32.47 -1.39 14.87
N LEU A 269 -32.39 -2.50 14.09
CA LEU A 269 -32.96 -3.79 14.43
C LEU A 269 -32.16 -4.12 15.73
N ASN A 270 -32.79 -4.71 16.73
CA ASN A 270 -32.07 -5.01 17.96
C ASN A 270 -31.31 -6.32 17.80
N ILE A 271 -29.99 -6.20 17.50
CA ILE A 271 -29.11 -7.35 17.29
C ILE A 271 -28.82 -8.05 18.63
N PHE A 272 -28.93 -7.31 19.75
CA PHE A 272 -28.71 -7.88 21.09
C PHE A 272 -29.78 -8.96 21.36
N ASN A 273 -31.05 -8.67 20.96
CA ASN A 273 -32.15 -9.64 21.09
C ASN A 273 -31.96 -10.81 20.14
N VAL A 274 -31.50 -10.55 18.87
CA VAL A 274 -31.21 -11.61 17.90
C VAL A 274 -30.22 -12.61 18.53
N ALA A 275 -29.10 -12.11 19.16
CA ALA A 275 -28.10 -12.94 19.86
C ALA A 275 -28.75 -13.82 20.95
N GLY A 276 -29.61 -13.21 21.78
CA GLY A 276 -30.33 -13.88 22.86
C GLY A 276 -31.28 -14.98 22.40
N TYR A 277 -31.92 -14.80 21.23
CA TYR A 277 -32.88 -15.77 20.69
C TYR A 277 -32.29 -16.76 19.68
N SER A 278 -30.96 -16.73 19.48
CA SER A 278 -30.26 -17.58 18.51
C SER A 278 -29.16 -18.41 19.17
N HIS A 279 -29.19 -18.51 20.52
CA HIS A 279 -28.20 -19.25 21.32
C HIS A 279 -26.82 -18.63 21.19
N ASN A 280 -26.77 -17.28 21.18
CA ASN A 280 -25.60 -16.42 21.01
C ASN A 280 -24.87 -16.69 19.69
N ARG A 281 -25.64 -16.77 18.61
CA ARG A 281 -25.12 -16.95 17.27
C ARG A 281 -25.75 -15.91 16.35
N PRO A 282 -25.56 -14.60 16.66
CA PRO A 282 -26.21 -13.58 15.84
C PRO A 282 -25.71 -13.49 14.42
N LEU A 283 -24.42 -13.78 14.20
CA LEU A 283 -23.81 -13.68 12.88
C LEU A 283 -24.42 -14.70 11.91
N THR A 284 -24.56 -15.97 12.33
CA THR A 284 -25.15 -17.02 11.50
C THR A 284 -26.62 -16.72 11.25
N ALA A 285 -27.35 -16.35 12.31
CA ALA A 285 -28.77 -16.04 12.20
C ALA A 285 -29.01 -14.87 11.24
N ILE A 286 -28.29 -13.74 11.40
CA ILE A 286 -28.49 -12.54 10.58
C ILE A 286 -28.03 -12.76 9.13
N MET A 287 -26.88 -13.45 8.93
CA MET A 287 -26.39 -13.73 7.56
C MET A 287 -27.32 -14.64 6.76
N TYR A 288 -27.90 -15.65 7.43
CA TYR A 288 -28.84 -16.54 6.77
C TYR A 288 -30.13 -15.77 6.39
N ALA A 289 -30.61 -14.89 7.27
CA ALA A 289 -31.79 -14.04 7.03
C ALA A 289 -31.53 -13.11 5.82
N ILE A 290 -30.38 -12.43 5.79
CA ILE A 290 -29.94 -11.52 4.70
C ILE A 290 -29.87 -12.26 3.34
N PHE A 291 -29.24 -13.44 3.32
CA PHE A 291 -29.05 -14.23 2.12
C PHE A 291 -30.35 -14.74 1.57
N GLN A 292 -31.33 -15.03 2.44
CA GLN A 292 -32.64 -15.48 2.02
C GLN A 292 -33.47 -14.31 1.55
N GLU A 293 -33.44 -13.21 2.29
CA GLU A 293 -34.13 -11.97 1.96
C GLU A 293 -33.74 -11.49 0.54
N ARG A 294 -32.44 -11.50 0.24
CA ARG A 294 -31.85 -11.05 -1.01
C ARG A 294 -31.75 -12.13 -2.04
N ASP A 295 -32.19 -13.36 -1.71
CA ASP A 295 -32.15 -14.50 -2.64
C ASP A 295 -30.74 -14.83 -3.16
N LEU A 296 -29.69 -14.57 -2.37
CA LEU A 296 -28.28 -14.81 -2.76
C LEU A 296 -27.91 -16.29 -2.84
N LEU A 297 -28.57 -17.15 -2.04
CA LEU A 297 -28.29 -18.57 -2.06
C LEU A 297 -28.71 -19.16 -3.42
N LYS A 298 -29.86 -18.71 -3.97
CA LYS A 298 -30.34 -19.16 -5.29
C LYS A 298 -29.49 -18.57 -6.40
N THR A 299 -29.23 -17.24 -6.38
CA THR A 299 -28.44 -16.54 -7.39
C THR A 299 -27.07 -17.16 -7.56
N PHE A 300 -26.36 -17.42 -6.45
CA PHE A 300 -24.98 -17.88 -6.50
C PHE A 300 -24.81 -19.36 -6.25
N ARG A 301 -25.92 -20.13 -6.35
CA ARG A 301 -25.97 -21.58 -6.22
C ARG A 301 -25.26 -22.05 -4.95
N ILE A 302 -25.63 -21.45 -3.82
CA ILE A 302 -25.07 -21.80 -2.50
C ILE A 302 -26.08 -22.71 -1.79
N SER A 303 -25.72 -23.98 -1.55
CA SER A 303 -26.55 -24.90 -0.77
C SER A 303 -26.62 -24.34 0.68
N SER A 304 -27.79 -24.46 1.37
CA SER A 304 -27.96 -24.01 2.76
C SER A 304 -26.88 -24.59 3.69
N ASP A 305 -26.61 -25.90 3.55
CA ASP A 305 -25.61 -26.59 4.33
C ASP A 305 -24.24 -25.90 4.20
N THR A 306 -23.82 -25.56 2.95
CA THR A 306 -22.55 -24.89 2.68
C THR A 306 -22.49 -23.55 3.42
N PHE A 307 -23.61 -22.81 3.36
CA PHE A 307 -23.74 -21.50 3.96
C PHE A 307 -23.63 -21.56 5.48
N ILE A 308 -24.37 -22.48 6.11
CA ILE A 308 -24.40 -22.61 7.56
C ILE A 308 -23.07 -23.18 8.06
N THR A 309 -22.49 -24.17 7.36
CA THR A 309 -21.17 -24.69 7.73
C THR A 309 -20.12 -23.54 7.74
N TYR A 310 -20.09 -22.70 6.69
CA TYR A 310 -19.17 -21.56 6.63
C TYR A 310 -19.42 -20.55 7.74
N MET A 311 -20.67 -20.10 7.87
CA MET A 311 -21.07 -19.09 8.84
C MET A 311 -20.77 -19.50 10.28
N MET A 312 -21.01 -20.77 10.60
CA MET A 312 -20.74 -21.33 11.92
C MET A 312 -19.27 -21.30 12.29
N THR A 313 -18.37 -21.64 11.34
CA THR A 313 -16.92 -21.62 11.55
C THR A 313 -16.45 -20.19 11.63
N LEU A 314 -17.00 -19.33 10.76
CA LEU A 314 -16.67 -17.91 10.77
C LEU A 314 -16.99 -17.34 12.17
N GLU A 315 -18.22 -17.60 12.67
CA GLU A 315 -18.66 -17.15 13.99
C GLU A 315 -17.75 -17.69 15.12
N ASP A 316 -17.33 -18.96 14.99
CA ASP A 316 -16.44 -19.67 15.93
C ASP A 316 -15.05 -18.97 15.99
N HIS A 317 -14.61 -18.37 14.87
CA HIS A 317 -13.34 -17.68 14.77
C HIS A 317 -13.39 -16.22 15.27
N TYR A 318 -14.58 -15.74 15.69
CA TYR A 318 -14.73 -14.45 16.39
C TYR A 318 -14.54 -14.81 17.89
N HIS A 319 -13.73 -14.05 18.63
CA HIS A 319 -13.45 -14.35 20.04
C HIS A 319 -14.61 -14.02 20.95
N SER A 320 -15.02 -14.96 21.81
CA SER A 320 -16.12 -14.74 22.74
C SER A 320 -15.72 -13.83 23.91
N ASP A 321 -14.44 -13.89 24.30
CA ASP A 321 -13.88 -13.19 25.46
C ASP A 321 -13.39 -11.76 25.15
N VAL A 322 -13.72 -11.25 23.96
CA VAL A 322 -13.44 -9.89 23.47
C VAL A 322 -14.85 -9.19 23.55
N ALA A 323 -14.97 -8.09 24.31
CA ALA A 323 -16.23 -7.40 24.54
C ALA A 323 -16.87 -6.75 23.35
N TYR A 324 -16.08 -6.19 22.43
CA TYR A 324 -16.65 -5.48 21.28
C TYR A 324 -16.42 -6.18 19.93
N HIS A 325 -15.17 -6.48 19.55
CA HIS A 325 -14.87 -7.05 18.24
C HIS A 325 -15.14 -8.55 18.18
N ASN A 326 -16.40 -8.93 18.43
CA ASN A 326 -16.88 -10.32 18.43
C ASN A 326 -17.96 -10.51 17.35
N SER A 327 -18.59 -11.71 17.27
CA SER A 327 -19.59 -11.97 16.23
C SER A 327 -20.83 -11.08 16.28
N LEU A 328 -21.14 -10.51 17.44
CA LEU A 328 -22.27 -9.61 17.59
C LEU A 328 -22.01 -8.29 16.86
N HIS A 329 -20.76 -7.78 16.90
CA HIS A 329 -20.36 -6.59 16.16
C HIS A 329 -20.35 -6.87 14.63
N ALA A 330 -19.82 -8.04 14.20
CA ALA A 330 -19.84 -8.47 12.80
C ALA A 330 -21.29 -8.58 12.28
N ALA A 331 -22.22 -9.18 13.10
CA ALA A 331 -23.64 -9.33 12.72
C ALA A 331 -24.27 -7.96 12.47
N ASP A 332 -23.93 -7.02 13.35
CA ASP A 332 -24.38 -5.65 13.32
C ASP A 332 -23.90 -4.91 12.07
N VAL A 333 -22.60 -5.03 11.75
CA VAL A 333 -22.04 -4.40 10.55
C VAL A 333 -22.65 -5.04 9.29
N ALA A 334 -22.78 -6.38 9.23
CA ALA A 334 -23.40 -7.09 8.08
C ALA A 334 -24.84 -6.63 7.87
N GLN A 335 -25.62 -6.52 8.98
CA GLN A 335 -27.01 -6.08 8.92
C GLN A 335 -27.12 -4.62 8.50
N SER A 336 -26.26 -3.75 9.03
CA SER A 336 -26.21 -2.34 8.68
C SER A 336 -25.84 -2.16 7.21
N THR A 337 -24.86 -2.92 6.69
CA THR A 337 -24.45 -2.92 5.27
C THR A 337 -25.63 -3.35 4.39
N HIS A 338 -26.39 -4.39 4.81
CA HIS A 338 -27.58 -4.87 4.10
C HIS A 338 -28.63 -3.77 3.94
N VAL A 339 -28.86 -3.00 5.02
CA VAL A 339 -29.80 -1.87 5.02
C VAL A 339 -29.28 -0.75 4.09
N LEU A 340 -28.00 -0.39 4.20
CA LEU A 340 -27.39 0.64 3.35
C LEU A 340 -27.44 0.27 1.89
N LEU A 341 -27.26 -1.01 1.54
CA LEU A 341 -27.36 -1.46 0.14
C LEU A 341 -28.79 -1.24 -0.41
N SER A 342 -29.80 -1.20 0.45
CA SER A 342 -31.21 -1.00 0.09
C SER A 342 -31.63 0.47 -0.02
N THR A 343 -30.67 1.42 0.17
CA THR A 343 -30.92 2.87 0.06
C THR A 343 -31.59 3.14 -1.28
N PRO A 344 -32.79 3.80 -1.31
CA PRO A 344 -33.46 4.05 -2.60
C PRO A 344 -32.59 4.78 -3.64
N ALA A 345 -31.76 5.76 -3.19
CA ALA A 345 -30.83 6.49 -4.07
C ALA A 345 -29.82 5.59 -4.77
N LEU A 346 -29.58 4.38 -4.23
CA LEU A 346 -28.65 3.38 -4.75
C LEU A 346 -29.36 2.20 -5.43
N ASP A 347 -30.63 2.36 -5.80
CA ASP A 347 -31.41 1.31 -6.46
C ASP A 347 -30.86 0.94 -7.85
N ALA A 348 -30.60 -0.36 -8.07
CA ALA A 348 -30.07 -0.97 -9.30
C ALA A 348 -28.61 -0.54 -9.69
N VAL A 349 -27.88 0.10 -8.79
CA VAL A 349 -26.50 0.54 -9.01
C VAL A 349 -25.55 -0.65 -8.95
N PHE A 350 -25.73 -1.55 -7.98
CA PHE A 350 -24.79 -2.64 -7.77
C PHE A 350 -25.26 -3.94 -8.36
N THR A 351 -24.31 -4.73 -8.87
CA THR A 351 -24.55 -6.06 -9.40
C THR A 351 -24.80 -6.99 -8.20
N ASP A 352 -25.30 -8.20 -8.47
CA ASP A 352 -25.52 -9.22 -7.43
C ASP A 352 -24.17 -9.61 -6.79
N LEU A 353 -23.10 -9.66 -7.59
CA LEU A 353 -21.75 -9.96 -7.15
C LEU A 353 -21.19 -8.91 -6.17
N GLU A 354 -21.46 -7.60 -6.44
CA GLU A 354 -21.03 -6.49 -5.59
C GLU A 354 -21.76 -6.51 -4.26
N ILE A 355 -23.06 -6.85 -4.29
CA ILE A 355 -23.91 -7.02 -3.09
C ILE A 355 -23.36 -8.17 -2.25
N LEU A 356 -23.05 -9.31 -2.89
CA LEU A 356 -22.48 -10.49 -2.24
C LEU A 356 -21.17 -10.14 -1.55
N ALA A 357 -20.29 -9.41 -2.25
CA ALA A 357 -18.98 -8.96 -1.78
C ALA A 357 -19.07 -8.06 -0.56
N ALA A 358 -19.99 -7.07 -0.57
CA ALA A 358 -20.16 -6.11 0.52
C ALA A 358 -20.62 -6.79 1.81
N ILE A 359 -21.66 -7.66 1.71
CA ILE A 359 -22.21 -8.35 2.87
C ILE A 359 -21.18 -9.32 3.42
N PHE A 360 -20.45 -10.04 2.55
CA PHE A 360 -19.38 -10.94 2.96
C PHE A 360 -18.22 -10.18 3.60
N ALA A 361 -17.75 -9.05 3.01
CA ALA A 361 -16.70 -8.21 3.59
C ALA A 361 -17.13 -7.78 5.00
N ALA A 362 -18.38 -7.29 5.16
CA ALA A 362 -18.93 -6.87 6.45
C ALA A 362 -18.89 -8.00 7.48
N ALA A 363 -19.31 -9.25 7.10
CA ALA A 363 -19.31 -10.38 8.02
C ALA A 363 -17.91 -10.81 8.47
N ILE A 364 -16.89 -10.75 7.58
CA ILE A 364 -15.54 -11.21 7.90
C ILE A 364 -14.58 -10.10 8.37
N HIS A 365 -14.99 -8.83 8.27
CA HIS A 365 -14.11 -7.67 8.46
C HIS A 365 -13.36 -7.63 9.80
N ASP A 366 -13.79 -8.35 10.85
CA ASP A 366 -13.10 -8.38 12.16
C ASP A 366 -12.80 -9.78 12.68
N VAL A 367 -12.91 -10.81 11.84
CA VAL A 367 -12.73 -12.19 12.28
C VAL A 367 -11.33 -12.42 12.91
N ASP A 368 -11.31 -13.12 14.05
CA ASP A 368 -10.10 -13.44 14.79
C ASP A 368 -9.42 -12.18 15.38
N HIS A 369 -10.23 -11.20 15.76
CA HIS A 369 -9.71 -9.98 16.35
C HIS A 369 -9.28 -10.29 17.82
N PRO A 370 -8.02 -9.94 18.20
CA PRO A 370 -7.56 -10.24 19.56
C PRO A 370 -8.02 -9.25 20.65
N GLY A 371 -8.76 -8.20 20.28
CA GLY A 371 -9.27 -7.21 21.23
C GLY A 371 -8.23 -6.16 21.64
N VAL A 372 -7.25 -5.92 20.75
CA VAL A 372 -6.12 -4.97 20.88
C VAL A 372 -5.89 -4.31 19.51
N SER A 373 -5.46 -3.02 19.49
CA SER A 373 -5.21 -2.24 18.28
C SER A 373 -3.99 -2.70 17.44
N ASN A 374 -3.89 -2.19 16.21
CA ASN A 374 -2.73 -2.44 15.35
C ASN A 374 -1.50 -1.87 16.04
N GLN A 375 -1.59 -0.67 16.65
CA GLN A 375 -0.48 -0.06 17.38
C GLN A 375 0.01 -0.91 18.56
N PHE A 376 -0.91 -1.54 19.30
CA PHE A 376 -0.49 -2.48 20.35
C PHE A 376 0.29 -3.66 19.70
N LEU A 377 -0.21 -4.20 18.56
CA LEU A 377 0.45 -5.31 17.87
C LEU A 377 1.84 -4.97 17.34
N ILE A 378 2.02 -3.73 16.88
CA ILE A 378 3.31 -3.22 16.41
C ILE A 378 4.28 -3.04 17.58
N ASN A 379 3.83 -2.36 18.67
CA ASN A 379 4.65 -2.07 19.85
C ASN A 379 5.12 -3.27 20.62
N THR A 380 4.35 -4.37 20.61
CA THR A 380 4.70 -5.59 21.34
C THR A 380 5.47 -6.58 20.46
N ASN A 381 5.81 -6.19 19.25
CA ASN A 381 6.51 -7.02 18.26
C ASN A 381 5.82 -8.38 18.08
N SER A 382 4.48 -8.34 17.91
CA SER A 382 3.64 -9.52 17.79
C SER A 382 3.94 -10.27 16.51
N GLU A 383 3.57 -11.56 16.46
CA GLU A 383 3.76 -12.39 15.26
C GLU A 383 3.04 -11.79 14.07
N LEU A 384 1.84 -11.27 14.32
CA LEU A 384 0.97 -10.62 13.36
C LEU A 384 1.61 -9.39 12.75
N ALA A 385 2.18 -8.49 13.59
CA ALA A 385 2.88 -7.27 13.09
C ALA A 385 4.11 -7.63 12.26
N LEU A 386 4.82 -8.68 12.68
CA LEU A 386 6.00 -9.24 12.03
C LEU A 386 5.63 -9.81 10.68
N MET A 387 4.54 -10.56 10.62
CA MET A 387 4.06 -11.16 9.41
C MET A 387 3.61 -10.11 8.40
N TYR A 388 2.89 -9.07 8.88
CA TYR A 388 2.32 -8.07 7.99
C TYR A 388 3.08 -6.79 7.88
N ASN A 389 4.32 -6.74 8.38
CA ASN A 389 5.22 -5.59 8.20
C ASN A 389 4.62 -4.28 8.66
N ASP A 390 3.91 -4.34 9.81
CA ASP A 390 3.27 -3.21 10.49
C ASP A 390 2.17 -2.49 9.67
N GLU A 391 1.80 -2.96 8.45
CA GLU A 391 0.77 -2.30 7.61
C GLU A 391 -0.57 -3.02 7.67
N SER A 392 -1.64 -2.30 8.10
CA SER A 392 -3.01 -2.85 8.24
C SER A 392 -2.95 -4.29 8.76
N VAL A 393 -2.23 -4.49 9.90
CA VAL A 393 -1.96 -5.80 10.49
C VAL A 393 -3.24 -6.61 10.65
N LEU A 394 -4.21 -6.09 11.42
CA LEU A 394 -5.47 -6.75 11.69
C LEU A 394 -6.31 -6.98 10.47
N GLU A 395 -6.45 -5.95 9.63
CA GLU A 395 -7.27 -5.98 8.42
C GLU A 395 -6.77 -7.02 7.43
N ASN A 396 -5.45 -7.21 7.30
CA ASN A 396 -4.86 -8.24 6.47
C ASN A 396 -5.14 -9.64 7.01
N HIS A 397 -5.01 -9.80 8.32
CA HIS A 397 -5.32 -11.02 9.06
C HIS A 397 -6.80 -11.44 8.94
N HIS A 398 -7.76 -10.49 9.05
CA HIS A 398 -9.21 -10.73 8.95
C HIS A 398 -9.54 -11.34 7.58
N LEU A 399 -8.91 -10.80 6.52
CA LEU A 399 -9.04 -11.29 5.16
C LEU A 399 -8.44 -12.69 5.01
N ALA A 400 -7.21 -12.91 5.51
CA ALA A 400 -6.54 -14.20 5.42
C ALA A 400 -7.41 -15.29 6.08
N VAL A 401 -7.91 -15.06 7.31
CA VAL A 401 -8.79 -16.02 8.02
C VAL A 401 -10.09 -16.22 7.22
N GLY A 402 -10.76 -15.12 6.87
CA GLY A 402 -12.00 -15.17 6.10
C GLY A 402 -11.94 -16.01 4.85
N PHE A 403 -10.90 -15.82 4.03
CA PHE A 403 -10.69 -16.59 2.80
C PHE A 403 -10.18 -18.03 3.10
N LYS A 404 -9.37 -18.22 4.17
CA LYS A 404 -8.88 -19.54 4.55
C LYS A 404 -10.01 -20.51 4.96
N LEU A 405 -11.00 -19.99 5.69
CA LEU A 405 -12.17 -20.76 6.18
C LEU A 405 -13.03 -21.36 5.06
N LEU A 406 -12.90 -20.84 3.82
CA LEU A 406 -13.59 -21.36 2.64
C LEU A 406 -13.04 -22.75 2.27
N GLN A 407 -11.85 -23.07 2.76
CA GLN A 407 -11.14 -24.33 2.46
C GLN A 407 -11.54 -25.42 3.43
N GLU A 408 -12.35 -25.09 4.44
CA GLU A 408 -12.86 -26.08 5.37
C GLU A 408 -13.88 -27.00 4.66
N GLU A 409 -14.07 -28.24 5.13
CA GLU A 409 -14.99 -29.17 4.45
C GLU A 409 -16.43 -28.64 4.36
N HIS A 410 -16.98 -28.61 3.13
CA HIS A 410 -18.36 -28.22 2.80
C HIS A 410 -18.66 -26.78 3.10
N ALA A 411 -17.61 -25.91 3.10
CA ALA A 411 -17.75 -24.50 3.49
C ALA A 411 -17.47 -23.50 2.38
N ASP A 412 -17.18 -23.96 1.16
CA ASP A 412 -16.86 -23.03 0.08
C ASP A 412 -18.11 -22.39 -0.50
N ILE A 413 -18.55 -21.28 0.11
CA ILE A 413 -19.75 -20.57 -0.35
C ILE A 413 -19.56 -19.95 -1.74
N PHE A 414 -18.34 -19.88 -2.27
CA PHE A 414 -18.09 -19.32 -3.60
C PHE A 414 -17.71 -20.39 -4.66
N MET A 415 -17.84 -21.67 -4.30
CA MET A 415 -17.56 -22.83 -5.13
C MET A 415 -18.26 -22.80 -6.51
N ASN A 416 -19.49 -22.28 -6.59
CA ASN A 416 -20.23 -22.32 -7.85
C ASN A 416 -20.23 -20.99 -8.60
N LEU A 417 -19.28 -20.10 -8.30
CA LEU A 417 -19.15 -18.87 -9.08
C LEU A 417 -18.14 -19.22 -10.20
N THR A 418 -18.14 -18.43 -11.30
CA THR A 418 -17.13 -18.62 -12.36
C THR A 418 -15.75 -18.15 -11.78
N LYS A 419 -14.65 -18.59 -12.42
CA LYS A 419 -13.30 -18.19 -12.04
C LYS A 419 -13.20 -16.63 -12.06
N LYS A 420 -13.76 -15.98 -13.10
CA LYS A 420 -13.78 -14.52 -13.21
C LYS A 420 -14.54 -13.85 -12.05
N GLN A 421 -15.72 -14.39 -11.69
CA GLN A 421 -16.52 -13.89 -10.58
C GLN A 421 -15.78 -14.01 -9.25
N ARG A 422 -15.08 -15.15 -9.01
CA ARG A 422 -14.29 -15.31 -7.76
C ARG A 422 -13.10 -14.31 -7.74
N GLN A 423 -12.48 -14.04 -8.90
CA GLN A 423 -11.36 -13.10 -9.00
C GLN A 423 -11.83 -11.69 -8.66
N THR A 424 -12.98 -11.31 -9.22
CA THR A 424 -13.62 -10.00 -9.01
C THR A 424 -14.07 -9.82 -7.57
N LEU A 425 -14.81 -10.80 -7.03
CA LEU A 425 -15.29 -10.74 -5.66
C LEU A 425 -14.10 -10.64 -4.70
N ARG A 426 -13.08 -11.50 -4.88
CA ARG A 426 -11.91 -11.49 -4.02
C ARG A 426 -11.27 -10.09 -3.97
N LYS A 427 -11.10 -9.44 -5.14
CA LYS A 427 -10.53 -8.11 -5.30
C LYS A 427 -11.37 -7.07 -4.54
N MET A 428 -12.71 -7.12 -4.71
CA MET A 428 -13.60 -6.19 -4.04
C MET A 428 -13.59 -6.36 -2.51
N VAL A 429 -13.59 -7.62 -2.02
CA VAL A 429 -13.60 -7.94 -0.58
C VAL A 429 -12.31 -7.43 0.08
N ILE A 430 -11.14 -7.70 -0.53
CA ILE A 430 -9.84 -7.24 -0.03
C ILE A 430 -9.86 -5.72 0.10
N ASP A 431 -10.32 -5.08 -0.95
CA ASP A 431 -10.43 -3.63 -1.03
C ASP A 431 -11.30 -3.06 0.12
N MET A 432 -12.49 -3.63 0.33
CA MET A 432 -13.43 -3.23 1.38
C MET A 432 -12.93 -3.49 2.80
N VAL A 433 -12.35 -4.67 3.08
CA VAL A 433 -11.85 -4.96 4.43
C VAL A 433 -10.60 -4.13 4.74
N LEU A 434 -9.73 -3.89 3.74
CA LEU A 434 -8.58 -3.03 4.01
C LEU A 434 -9.01 -1.59 4.32
N ALA A 435 -10.14 -1.14 3.74
CA ALA A 435 -10.68 0.21 3.97
C ALA A 435 -11.27 0.38 5.39
N THR A 436 -11.42 -0.72 6.16
CA THR A 436 -11.94 -0.64 7.52
C THR A 436 -10.84 -0.27 8.52
N ASP A 437 -9.55 -0.19 8.06
CA ASP A 437 -8.41 0.26 8.87
C ASP A 437 -8.73 1.75 9.17
N MET A 438 -8.92 2.05 10.44
CA MET A 438 -9.31 3.39 10.89
C MET A 438 -8.36 4.48 10.48
N SER A 439 -7.07 4.15 10.29
CA SER A 439 -6.05 5.13 9.92
C SER A 439 -6.19 5.59 8.46
N LYS A 440 -7.04 4.89 7.68
CA LYS A 440 -7.32 5.20 6.28
C LYS A 440 -8.59 6.08 6.21
N HIS A 441 -9.21 6.40 7.39
CA HIS A 441 -10.46 7.17 7.46
C HIS A 441 -10.51 8.43 6.59
N MET A 442 -9.47 9.28 6.64
CA MET A 442 -9.44 10.53 5.89
C MET A 442 -9.40 10.32 4.37
N SER A 443 -8.76 9.24 3.90
CA SER A 443 -8.69 8.88 2.47
C SER A 443 -10.06 8.51 1.98
N LEU A 444 -10.82 7.70 2.76
CA LEU A 444 -12.16 7.30 2.38
C LEU A 444 -13.05 8.52 2.33
N LEU A 445 -12.95 9.42 3.34
CA LEU A 445 -13.75 10.64 3.42
C LEU A 445 -13.47 11.57 2.24
N ALA A 446 -12.19 11.76 1.87
CA ALA A 446 -11.77 12.54 0.70
C ALA A 446 -12.39 11.93 -0.58
N ASP A 447 -12.34 10.59 -0.76
CA ASP A 447 -12.96 9.90 -1.91
C ASP A 447 -14.46 10.12 -1.94
N LEU A 448 -15.15 9.94 -0.79
CA LEU A 448 -16.60 10.12 -0.66
C LEU A 448 -16.98 11.59 -0.99
N LYS A 449 -16.21 12.56 -0.50
CA LYS A 449 -16.41 13.99 -0.74
C LYS A 449 -16.26 14.37 -2.21
N THR A 450 -15.26 13.82 -2.95
CA THR A 450 -15.12 14.11 -4.40
C THR A 450 -16.30 13.54 -5.17
N MET A 451 -16.82 12.38 -4.73
CA MET A 451 -17.98 11.71 -5.32
C MET A 451 -19.25 12.53 -5.18
N VAL A 452 -19.39 13.27 -4.06
CA VAL A 452 -20.53 14.13 -3.76
C VAL A 452 -20.49 15.38 -4.64
N GLU A 453 -19.29 15.96 -4.80
CA GLU A 453 -19.07 17.15 -5.63
C GLU A 453 -19.39 16.92 -7.13
N THR A 454 -19.08 15.74 -7.66
CA THR A 454 -19.30 15.38 -9.07
C THR A 454 -20.52 14.47 -9.26
N LYS A 455 -21.41 14.37 -8.24
CA LYS A 455 -22.53 13.41 -8.34
C LYS A 455 -23.54 13.75 -9.41
N LYS A 456 -23.93 12.71 -10.16
CA LYS A 456 -24.93 12.73 -11.23
C LYS A 456 -26.11 11.89 -10.70
N VAL A 457 -27.23 12.56 -10.40
CA VAL A 457 -28.46 11.98 -9.82
C VAL A 457 -29.60 12.12 -10.81
N THR A 458 -30.44 11.08 -10.89
CA THR A 458 -31.63 10.95 -11.73
C THR A 458 -32.78 11.87 -11.20
N SER A 459 -33.79 12.15 -12.05
CA SER A 459 -34.99 12.97 -11.74
C SER A 459 -35.84 12.36 -10.60
N SER A 460 -35.75 11.02 -10.46
CA SER A 460 -36.44 10.20 -9.48
C SER A 460 -35.64 10.06 -8.19
N GLY A 461 -34.41 10.60 -8.22
CA GLY A 461 -33.50 10.65 -7.08
C GLY A 461 -32.41 9.59 -7.01
N VAL A 462 -32.25 8.78 -8.08
CA VAL A 462 -31.29 7.66 -8.12
C VAL A 462 -29.91 8.08 -8.65
N LEU A 463 -28.87 7.72 -7.88
CA LEU A 463 -27.47 7.96 -8.19
C LEU A 463 -26.99 7.22 -9.44
N LEU A 464 -26.09 7.85 -10.18
CA LEU A 464 -25.50 7.25 -11.37
C LEU A 464 -24.04 7.00 -11.14
N LEU A 465 -23.69 5.72 -11.09
CA LEU A 465 -22.31 5.28 -10.92
C LEU A 465 -21.97 4.42 -12.11
N ASP A 466 -21.30 5.06 -13.07
CA ASP A 466 -20.94 4.47 -14.35
C ASP A 466 -19.86 3.40 -14.27
N ASN A 467 -18.70 3.70 -13.64
CA ASN A 467 -17.60 2.74 -13.67
C ASN A 467 -17.24 2.07 -12.31
N TYR A 468 -16.45 0.97 -12.38
CA TYR A 468 -16.04 0.17 -11.23
C TYR A 468 -15.42 1.01 -10.10
N THR A 469 -14.49 1.90 -10.45
CA THR A 469 -13.81 2.76 -9.47
C THR A 469 -14.78 3.56 -8.62
N ASP A 470 -15.82 4.14 -9.23
CA ASP A 470 -16.83 4.89 -8.50
C ASP A 470 -17.59 3.99 -7.55
N ARG A 471 -18.02 2.82 -8.03
CA ARG A 471 -18.76 1.79 -7.28
C ARG A 471 -17.98 1.26 -6.07
N ILE A 472 -16.68 0.96 -6.24
CA ILE A 472 -15.88 0.47 -5.13
C ILE A 472 -15.58 1.57 -4.10
N GLN A 473 -15.47 2.84 -4.52
CA GLN A 473 -15.27 3.98 -3.61
C GLN A 473 -16.49 4.11 -2.71
N VAL A 474 -17.70 3.89 -3.26
CA VAL A 474 -18.95 3.96 -2.52
C VAL A 474 -19.10 2.78 -1.56
N LEU A 475 -18.81 1.56 -2.07
CA LEU A 475 -18.89 0.32 -1.30
C LEU A 475 -17.90 0.28 -0.15
N ARG A 476 -16.67 0.78 -0.37
CA ARG A 476 -15.69 0.79 0.69
C ARG A 476 -16.07 1.84 1.77
N ASN A 477 -16.78 2.91 1.38
CA ASN A 477 -17.30 3.92 2.29
C ASN A 477 -18.53 3.42 3.03
N MET A 478 -19.33 2.58 2.39
CA MET A 478 -20.54 1.96 2.96
C MET A 478 -20.20 1.02 4.11
N VAL A 479 -19.22 0.13 3.91
CA VAL A 479 -18.78 -0.83 4.93
C VAL A 479 -18.10 -0.08 6.11
N HIS A 480 -17.32 0.98 5.82
CA HIS A 480 -16.69 1.84 6.81
C HIS A 480 -17.77 2.59 7.63
N ALA A 481 -18.79 3.20 6.95
CA ALA A 481 -19.90 3.89 7.60
C ALA A 481 -20.70 2.91 8.48
N ALA A 482 -20.95 1.66 7.98
CA ALA A 482 -21.62 0.60 8.73
C ALA A 482 -20.79 0.24 9.99
N ASP A 483 -19.46 0.19 9.85
CA ASP A 483 -18.54 -0.06 10.96
C ASP A 483 -18.55 1.09 12.01
N LEU A 484 -18.84 2.32 11.56
CA LEU A 484 -18.95 3.50 12.41
C LEU A 484 -20.43 3.93 12.56
N SER A 485 -21.37 2.97 12.66
CA SER A 485 -22.80 3.24 12.75
C SER A 485 -23.40 3.21 14.17
N ASN A 486 -22.67 2.70 15.19
CA ASN A 486 -23.16 2.67 16.58
C ASN A 486 -23.76 4.01 17.06
N PRO A 487 -23.08 5.17 16.86
CA PRO A 487 -23.70 6.45 17.30
C PRO A 487 -24.96 6.85 16.53
N THR A 488 -25.26 6.20 15.39
CA THR A 488 -26.44 6.51 14.54
C THR A 488 -27.63 5.65 14.88
N LYS A 489 -27.47 4.69 15.80
CA LYS A 489 -28.53 3.77 16.25
C LYS A 489 -29.28 4.38 17.42
N SER A 490 -30.48 3.85 17.77
CA SER A 490 -31.22 4.38 18.92
C SER A 490 -30.33 4.36 20.17
N LEU A 491 -30.48 5.37 21.07
CA LEU A 491 -29.68 5.51 22.29
C LEU A 491 -29.48 4.19 23.06
N GLU A 492 -30.56 3.41 23.24
CA GLU A 492 -30.54 2.11 23.92
C GLU A 492 -29.49 1.17 23.31
N LEU A 493 -29.39 1.16 21.97
CA LEU A 493 -28.41 0.31 21.28
C LEU A 493 -26.99 0.90 21.42
N TYR A 494 -26.85 2.19 21.12
CA TYR A 494 -25.60 2.94 21.21
C TYR A 494 -24.93 2.84 22.59
N ARG A 495 -25.71 3.02 23.68
CA ARG A 495 -25.19 2.92 25.05
C ARG A 495 -24.59 1.55 25.35
N GLN A 496 -25.20 0.48 24.80
CA GLN A 496 -24.69 -0.88 24.93
C GLN A 496 -23.40 -1.06 24.14
N TRP A 497 -23.27 -0.42 22.95
CA TRP A 497 -22.04 -0.53 22.15
C TRP A 497 -20.89 0.20 22.86
N THR A 498 -21.14 1.42 23.38
CA THR A 498 -20.16 2.22 24.16
C THR A 498 -19.63 1.42 25.38
N ASP A 499 -20.50 0.71 26.11
CA ASP A 499 -20.07 -0.11 27.24
C ASP A 499 -19.07 -1.16 26.81
N ARG A 500 -19.37 -1.84 25.67
CA ARG A 500 -18.54 -2.89 25.07
C ARG A 500 -17.22 -2.35 24.55
N ILE A 501 -17.25 -1.22 23.83
CA ILE A 501 -16.09 -0.47 23.32
C ILE A 501 -15.13 -0.20 24.53
N MET A 502 -15.67 0.36 25.60
CA MET A 502 -14.93 0.74 26.81
C MET A 502 -14.34 -0.48 27.49
N GLU A 503 -15.15 -1.54 27.67
CA GLU A 503 -14.74 -2.80 28.29
C GLU A 503 -13.54 -3.38 27.55
N GLU A 504 -13.56 -3.34 26.22
CA GLU A 504 -12.45 -3.82 25.38
C GLU A 504 -11.21 -2.93 25.47
N PHE A 505 -11.36 -1.60 25.50
CA PHE A 505 -10.25 -0.68 25.69
C PHE A 505 -9.56 -0.99 27.01
N PHE A 506 -10.36 -1.18 28.09
CA PHE A 506 -9.85 -1.47 29.44
C PHE A 506 -9.10 -2.77 29.46
N GLN A 507 -9.59 -3.74 28.69
CA GLN A 507 -9.03 -5.07 28.54
C GLN A 507 -7.68 -4.94 27.84
N GLN A 508 -7.53 -4.01 26.84
CA GLN A 508 -6.23 -3.74 26.21
C GLN A 508 -5.27 -3.11 27.26
N GLY A 509 -5.80 -2.18 28.08
CA GLY A 509 -5.10 -1.52 29.17
C GLY A 509 -4.50 -2.52 30.15
N ASP A 510 -5.25 -3.61 30.42
CA ASP A 510 -4.79 -4.71 31.28
C ASP A 510 -3.60 -5.41 30.65
N LYS A 511 -3.66 -5.63 29.33
CA LYS A 511 -2.58 -6.26 28.57
C LYS A 511 -1.37 -5.34 28.50
N GLU A 512 -1.57 -4.01 28.43
CA GLU A 512 -0.47 -3.05 28.46
C GLU A 512 0.20 -3.07 29.84
N ARG A 513 -0.60 -3.16 30.92
CA ARG A 513 -0.09 -3.20 32.29
C ARG A 513 0.76 -4.42 32.57
N GLU A 514 0.34 -5.60 32.06
CA GLU A 514 1.04 -6.89 32.23
C GLU A 514 2.35 -6.89 31.46
N ARG A 515 2.51 -5.96 30.50
CA ARG A 515 3.69 -5.86 29.67
CA ARG A 515 3.70 -5.87 29.67
C ARG A 515 4.59 -4.70 30.08
N GLY A 516 4.11 -3.90 31.03
CA GLY A 516 4.84 -2.74 31.53
C GLY A 516 4.84 -1.56 30.56
N MET A 517 3.91 -1.59 29.59
CA MET A 517 3.78 -0.58 28.55
C MET A 517 3.01 0.62 29.07
N GLU A 518 3.22 1.79 28.45
CA GLU A 518 2.48 2.98 28.82
C GLU A 518 0.99 2.75 28.51
N ILE A 519 0.12 2.94 29.50
CA ILE A 519 -1.33 2.71 29.33
C ILE A 519 -1.90 3.76 28.36
N SER A 520 -2.63 3.29 27.33
CA SER A 520 -3.22 4.10 26.25
C SER A 520 -4.25 5.06 26.78
N PRO A 521 -4.47 6.23 26.11
CA PRO A 521 -5.42 7.24 26.63
C PRO A 521 -6.82 6.73 27.10
N MET A 522 -7.64 6.03 26.27
CA MET A 522 -8.96 5.56 26.66
C MET A 522 -8.94 4.18 27.35
N ALA A 523 -7.75 3.60 27.63
CA ALA A 523 -7.57 2.22 28.11
C ALA A 523 -7.58 2.03 29.64
N ASP A 524 -7.98 3.06 30.38
CA ASP A 524 -8.00 2.95 31.82
C ASP A 524 -9.24 3.62 32.41
N LYS A 525 -10.03 2.87 33.23
CA LYS A 525 -11.26 3.35 33.90
C LYS A 525 -11.03 4.57 34.77
N HIS A 526 -9.83 4.71 35.35
CA HIS A 526 -9.57 5.88 36.22
C HIS A 526 -9.36 7.16 35.46
N THR A 527 -8.98 7.09 34.18
CA THR A 527 -8.73 8.32 33.43
C THR A 527 -9.59 8.48 32.15
N ALA A 528 -10.32 7.44 31.72
CA ALA A 528 -11.20 7.53 30.53
C ALA A 528 -12.42 8.44 30.75
N CYS A 529 -12.58 9.45 29.87
CA CYS A 529 -13.65 10.44 29.82
C CYS A 529 -14.60 9.92 28.73
N VAL A 530 -15.41 8.92 29.10
CA VAL A 530 -16.32 8.16 28.23
C VAL A 530 -17.25 9.05 27.40
N GLU A 531 -17.94 9.99 28.05
CA GLU A 531 -18.89 10.91 27.40
C GLU A 531 -18.20 11.89 26.45
N LYS A 532 -17.14 12.61 26.91
CA LYS A 532 -16.37 13.53 26.06
C LYS A 532 -15.80 12.83 24.84
N SER A 533 -15.38 11.57 25.00
CA SER A 533 -14.85 10.76 23.89
C SER A 533 -15.89 10.49 22.83
N GLN A 534 -17.12 10.19 23.25
CA GLN A 534 -18.24 9.96 22.36
C GLN A 534 -18.59 11.23 21.60
N VAL A 535 -18.47 12.39 22.26
CA VAL A 535 -18.74 13.69 21.64
C VAL A 535 -17.64 14.04 20.63
N GLY A 536 -16.38 13.79 20.99
CA GLY A 536 -15.23 14.00 20.13
C GLY A 536 -15.30 13.09 18.92
N PHE A 537 -15.58 11.79 19.14
CA PHE A 537 -15.72 10.77 18.11
C PHE A 537 -16.80 11.17 17.10
N ILE A 538 -17.95 11.67 17.60
CA ILE A 538 -19.03 12.11 16.72
C ILE A 538 -18.64 13.39 15.99
N ASP A 539 -18.17 14.41 16.70
CA ASP A 539 -17.82 15.69 16.11
C ASP A 539 -16.72 15.61 15.05
N TYR A 540 -15.67 14.83 15.32
CA TYR A 540 -14.51 14.76 14.46
C TYR A 540 -14.52 13.64 13.45
N ILE A 541 -15.21 12.51 13.73
CA ILE A 541 -15.16 11.39 12.80
C ILE A 541 -16.52 10.93 12.29
N VAL A 542 -17.47 10.59 13.18
CA VAL A 542 -18.77 10.00 12.79
C VAL A 542 -19.68 10.99 12.06
N HIS A 543 -19.83 12.23 12.56
CA HIS A 543 -20.69 13.23 11.92
C HIS A 543 -20.13 13.67 10.55
N PRO A 544 -18.82 14.03 10.38
CA PRO A 544 -18.30 14.35 9.05
C PRO A 544 -18.49 13.25 8.01
N LEU A 545 -18.34 11.98 8.39
CA LEU A 545 -18.55 10.84 7.48
C LEU A 545 -20.01 10.67 7.07
N TRP A 546 -20.91 10.61 8.06
CA TRP A 546 -22.34 10.43 7.83
C TRP A 546 -23.01 11.62 7.15
N GLU A 547 -22.47 12.84 7.35
CA GLU A 547 -22.97 14.03 6.69
C GLU A 547 -22.64 13.96 5.21
N THR A 548 -21.43 13.46 4.85
CA THR A 548 -20.96 13.28 3.49
C THR A 548 -21.75 12.17 2.81
N TRP A 549 -22.00 11.05 3.52
CA TRP A 549 -22.85 9.95 3.03
C TRP A 549 -24.26 10.46 2.77
N ALA A 550 -24.84 11.24 3.71
CA ALA A 550 -26.19 11.80 3.57
C ALA A 550 -26.33 12.71 2.38
N ASP A 551 -25.25 13.47 2.03
CA ASP A 551 -25.23 14.38 0.87
C ASP A 551 -25.26 13.55 -0.38
N LEU A 552 -24.49 12.44 -0.44
CA LEU A 552 -24.45 11.52 -1.57
C LEU A 552 -25.80 10.84 -1.84
N VAL A 553 -26.51 10.38 -0.80
CA VAL A 553 -27.76 9.63 -0.94
C VAL A 553 -29.01 10.42 -0.57
N GLN A 554 -28.94 11.78 -0.49
CA GLN A 554 -30.08 12.65 -0.11
C GLN A 554 -31.38 12.28 -0.84
N PRO A 555 -32.55 12.21 -0.15
CA PRO A 555 -32.82 12.49 1.29
C PRO A 555 -32.66 11.29 2.26
N ASP A 556 -32.28 10.10 1.74
CA ASP A 556 -32.13 8.84 2.49
C ASP A 556 -30.95 9.06 3.38
N ALA A 557 -30.94 8.56 4.61
CA ALA A 557 -29.87 8.85 5.61
C ALA A 557 -30.18 10.05 6.54
N GLN A 558 -31.26 10.81 6.28
CA GLN A 558 -31.63 11.93 7.17
C GLN A 558 -31.98 11.43 8.57
N ASP A 559 -32.75 10.32 8.69
CA ASP A 559 -33.11 9.74 9.98
C ASP A 559 -31.87 9.32 10.75
N ILE A 560 -30.88 8.75 10.04
CA ILE A 560 -29.59 8.30 10.54
C ILE A 560 -28.86 9.50 11.18
N LEU A 561 -28.79 10.61 10.43
CA LEU A 561 -28.19 11.87 10.81
C LEU A 561 -28.94 12.52 12.00
N ASP A 562 -30.30 12.43 12.05
CA ASP A 562 -31.14 12.95 13.16
C ASP A 562 -30.89 12.20 14.45
N THR A 563 -30.84 10.84 14.37
CA THR A 563 -30.53 9.98 15.50
C THR A 563 -29.16 10.32 16.06
N LEU A 564 -28.14 10.49 15.17
CA LEU A 564 -26.76 10.88 15.51
C LEU A 564 -26.70 12.17 16.35
N GLU A 565 -27.41 13.23 15.89
CA GLU A 565 -27.45 14.54 16.54
C GLU A 565 -28.07 14.43 17.93
N ASP A 566 -29.15 13.62 18.09
CA ASP A 566 -29.79 13.41 19.39
C ASP A 566 -28.83 12.74 20.36
N ASN A 567 -28.18 11.63 19.92
CA ASN A 567 -27.22 10.86 20.70
C ASN A 567 -26.02 11.69 21.08
N ARG A 568 -25.55 12.56 20.16
CA ARG A 568 -24.44 13.47 20.44
C ARG A 568 -24.83 14.42 21.59
N ASN A 569 -26.01 15.05 21.48
CA ASN A 569 -26.51 15.97 22.50
C ASN A 569 -26.76 15.29 23.84
N TRP A 570 -27.23 14.02 23.80
CA TRP A 570 -27.43 13.23 25.02
C TRP A 570 -26.09 13.01 25.72
N TYR A 571 -25.08 12.48 25.00
CA TYR A 571 -23.74 12.30 25.56
C TYR A 571 -23.14 13.60 26.09
N GLN A 572 -23.33 14.73 25.34
CA GLN A 572 -22.85 16.04 25.74
C GLN A 572 -23.47 16.47 27.07
N ALA A 573 -24.80 16.29 27.22
CA ALA A 573 -25.56 16.58 28.44
C ALA A 573 -25.15 15.66 29.61
N MET A 574 -24.60 14.47 29.30
CA MET A 574 -24.16 13.49 30.31
C MET A 574 -22.70 13.66 30.76
N ILE A 575 -21.96 14.67 30.23
CA ILE A 575 -20.57 14.92 30.64
C ILE A 575 -20.53 15.38 32.11
N PRO A 576 -19.76 14.69 32.99
CA PRO A 576 -19.68 15.12 34.40
C PRO A 576 -18.82 16.36 34.56
N VAL B 85 -14.82 21.06 1.17
CA VAL B 85 -14.42 21.29 -0.24
C VAL B 85 -13.03 20.68 -0.49
N THR B 86 -12.92 19.89 -1.58
CA THR B 86 -11.66 19.26 -1.98
C THR B 86 -10.77 20.32 -2.61
N PRO B 87 -9.44 20.30 -2.30
CA PRO B 87 -8.55 21.38 -2.77
C PRO B 87 -8.28 21.47 -4.27
N PHE B 88 -8.02 20.34 -4.97
CA PHE B 88 -7.72 20.36 -6.42
C PHE B 88 -8.84 21.05 -7.23
N ALA B 89 -10.11 20.75 -6.91
CA ALA B 89 -11.32 21.32 -7.53
C ALA B 89 -11.32 22.85 -7.38
N GLN B 90 -11.03 23.32 -6.15
CA GLN B 90 -10.92 24.71 -5.71
C GLN B 90 -9.84 25.46 -6.55
N VAL B 91 -8.65 24.83 -6.72
CA VAL B 91 -7.52 25.35 -7.50
C VAL B 91 -7.93 25.42 -8.99
N LEU B 92 -8.52 24.31 -9.51
CA LEU B 92 -9.01 24.18 -10.87
C LEU B 92 -10.02 25.24 -11.23
N ALA B 93 -10.96 25.52 -10.32
CA ALA B 93 -12.00 26.54 -10.49
C ALA B 93 -11.38 27.94 -10.53
N SER B 94 -10.35 28.17 -9.68
CA SER B 94 -9.60 29.42 -9.56
C SER B 94 -8.81 29.74 -10.85
N LEU B 95 -8.06 28.74 -11.38
CA LEU B 95 -7.28 28.85 -12.61
C LEU B 95 -8.19 29.06 -13.84
N ARG B 96 -9.40 28.46 -13.78
CA ARG B 96 -10.40 28.59 -14.84
C ARG B 96 -10.95 30.03 -14.85
N SER B 97 -11.08 30.64 -13.64
CA SER B 97 -11.54 32.01 -13.46
C SER B 97 -10.50 33.01 -14.01
N VAL B 98 -9.20 32.75 -13.70
CA VAL B 98 -8.04 33.55 -14.14
C VAL B 98 -7.99 33.58 -15.67
N ARG B 99 -8.18 32.39 -16.30
CA ARG B 99 -8.21 32.20 -17.75
C ARG B 99 -9.38 32.97 -18.40
N ASN B 100 -10.58 32.93 -17.80
CA ASN B 100 -11.77 33.61 -18.33
C ASN B 100 -11.73 35.14 -18.15
N ASN B 101 -10.81 35.64 -17.29
CA ASN B 101 -10.55 37.06 -17.08
C ASN B 101 -9.34 37.52 -17.90
N PHE B 102 -8.42 36.58 -18.24
CA PHE B 102 -7.24 36.83 -19.09
C PHE B 102 -7.72 37.22 -20.49
N THR B 103 -8.77 36.54 -20.99
CA THR B 103 -9.41 36.77 -22.29
C THR B 103 -10.05 38.15 -22.36
N ILE B 104 -10.56 38.66 -21.21
CA ILE B 104 -11.17 40.00 -21.11
C ILE B 104 -10.07 41.05 -21.24
N LEU B 105 -8.95 40.86 -20.50
CA LEU B 105 -7.76 41.74 -20.48
C LEU B 105 -6.98 41.76 -21.80
N THR B 106 -7.21 40.75 -22.68
CA THR B 106 -6.54 40.60 -23.98
C THR B 106 -7.54 40.68 -25.15
N GLN B 130 5.28 47.34 -32.72
CA GLN B 130 4.00 47.87 -32.21
C GLN B 130 3.30 46.81 -31.34
N GLU B 131 1.98 46.62 -31.53
CA GLU B 131 1.17 45.66 -30.77
C GLU B 131 1.05 44.28 -31.44
N GLU B 132 1.82 44.05 -32.54
CA GLU B 132 1.88 42.75 -33.24
C GLU B 132 2.54 41.78 -32.27
N SER B 133 3.60 42.26 -31.58
CA SER B 133 4.36 41.53 -30.56
C SER B 133 3.53 41.32 -29.29
N TYR B 134 2.60 42.28 -29.00
CA TYR B 134 1.69 42.22 -27.86
C TYR B 134 0.67 41.11 -28.09
N GLN B 135 0.00 41.13 -29.27
CA GLN B 135 -1.01 40.15 -29.69
C GLN B 135 -0.42 38.74 -29.72
N LYS B 136 0.82 38.59 -30.27
CA LYS B 136 1.57 37.33 -30.34
C LYS B 136 1.83 36.80 -28.94
N LEU B 137 2.21 37.71 -28.00
CA LEU B 137 2.48 37.37 -26.61
C LEU B 137 1.20 37.00 -25.87
N ALA B 138 0.10 37.73 -26.13
CA ALA B 138 -1.21 37.52 -25.52
C ALA B 138 -1.83 36.17 -25.95
N MET B 139 -1.67 35.81 -27.25
CA MET B 139 -2.21 34.59 -27.83
C MET B 139 -1.40 33.35 -27.46
N GLU B 140 -0.04 33.45 -27.45
CA GLU B 140 0.86 32.34 -27.08
C GLU B 140 0.72 31.95 -25.62
N THR B 141 0.43 32.94 -24.74
CA THR B 141 0.25 32.70 -23.31
C THR B 141 -1.10 32.08 -23.01
N LEU B 142 -2.17 32.46 -23.75
CA LEU B 142 -3.51 31.87 -23.60
C LEU B 142 -3.49 30.39 -24.02
N GLU B 143 -2.84 30.09 -25.17
CA GLU B 143 -2.68 28.73 -25.68
C GLU B 143 -1.89 27.87 -24.70
N GLU B 144 -0.82 28.45 -24.08
CA GLU B 144 0.03 27.82 -23.07
C GLU B 144 -0.75 27.51 -21.78
N LEU B 145 -1.56 28.49 -21.30
CA LEU B 145 -2.41 28.38 -20.12
C LEU B 145 -3.42 27.25 -20.35
N ASP B 146 -4.11 27.25 -21.53
CA ASP B 146 -5.09 26.24 -21.91
C ASP B 146 -4.48 24.81 -21.95
N TRP B 147 -3.25 24.70 -22.49
CA TRP B 147 -2.50 23.45 -22.57
C TRP B 147 -2.15 22.97 -21.16
N ALA B 148 -1.69 23.92 -20.29
CA ALA B 148 -1.32 23.66 -18.90
C ALA B 148 -2.52 23.17 -18.10
N LEU B 149 -3.71 23.82 -18.29
CA LEU B 149 -4.95 23.44 -17.61
C LEU B 149 -5.47 22.09 -18.05
N ASP B 150 -5.44 21.79 -19.37
CA ASP B 150 -5.84 20.51 -19.94
C ASP B 150 -4.95 19.39 -19.36
N GLN B 151 -3.61 19.60 -19.39
CA GLN B 151 -2.62 18.67 -18.86
C GLN B 151 -2.74 18.46 -17.34
N LEU B 152 -3.10 19.53 -16.59
CA LEU B 152 -3.32 19.45 -15.15
C LEU B 152 -4.41 18.42 -14.85
N GLU B 153 -5.55 18.50 -15.56
CA GLU B 153 -6.68 17.60 -15.38
C GLU B 153 -6.38 16.15 -15.79
N THR B 154 -5.88 15.97 -17.03
CA THR B 154 -5.61 14.66 -17.64
C THR B 154 -4.52 13.87 -16.91
N ILE B 155 -3.44 14.55 -16.47
CA ILE B 155 -2.29 13.94 -15.81
C ILE B 155 -2.62 13.47 -14.38
N GLN B 156 -3.80 13.86 -13.88
CA GLN B 156 -4.30 13.48 -12.57
C GLN B 156 -5.00 12.11 -12.60
N THR B 157 -5.06 11.45 -11.44
CA THR B 157 -5.70 10.16 -11.21
C THR B 157 -6.64 10.30 -10.00
N TYR B 158 -7.51 9.28 -9.76
CA TYR B 158 -8.43 9.25 -8.61
C TYR B 158 -7.63 9.39 -7.31
N ARG B 159 -6.52 8.62 -7.18
CA ARG B 159 -5.69 8.61 -5.98
C ARG B 159 -4.83 9.87 -5.78
N SER B 160 -4.34 10.52 -6.86
CA SER B 160 -3.54 11.76 -6.74
C SER B 160 -4.40 12.93 -6.24
N VAL B 161 -5.66 13.05 -6.74
CA VAL B 161 -6.63 14.09 -6.35
C VAL B 161 -7.07 13.88 -4.90
N SER B 162 -7.47 12.64 -4.54
CA SER B 162 -7.92 12.30 -3.20
C SER B 162 -6.83 12.51 -2.16
N GLU B 163 -5.56 12.19 -2.54
CA GLU B 163 -4.35 12.36 -1.74
C GLU B 163 -4.22 13.82 -1.29
N MET B 164 -4.50 14.77 -2.21
CA MET B 164 -4.43 16.20 -1.92
C MET B 164 -5.49 16.57 -0.89
N ALA B 165 -6.68 15.94 -0.98
CA ALA B 165 -7.80 16.19 -0.09
C ALA B 165 -7.63 15.57 1.31
N SER B 166 -7.23 14.28 1.40
CA SER B 166 -7.01 13.58 2.67
C SER B 166 -5.93 14.26 3.50
N ASN B 167 -4.81 14.70 2.86
CA ASN B 167 -3.71 15.41 3.51
C ASN B 167 -4.22 16.73 4.11
N LYS B 168 -5.11 17.45 3.40
CA LYS B 168 -5.74 18.69 3.84
C LYS B 168 -6.62 18.42 5.08
N PHE B 169 -7.47 17.36 5.03
CA PHE B 169 -8.37 16.94 6.10
C PHE B 169 -7.59 16.51 7.36
N LYS B 170 -6.46 15.77 7.16
CA LYS B 170 -5.58 15.31 8.23
C LYS B 170 -4.97 16.49 8.97
N ARG B 171 -4.53 17.54 8.24
CA ARG B 171 -3.93 18.77 8.78
C ARG B 171 -4.96 19.62 9.50
N MET B 172 -6.15 19.77 8.93
CA MET B 172 -7.25 20.51 9.54
C MET B 172 -7.61 19.89 10.91
N LEU B 173 -7.77 18.52 10.97
CA LEU B 173 -8.11 17.81 12.20
C LEU B 173 -7.03 17.92 13.24
N ASN B 174 -5.74 17.76 12.80
CA ASN B 174 -4.58 17.89 13.67
C ASN B 174 -4.57 19.26 14.36
N ARG B 175 -4.96 20.33 13.63
CA ARG B 175 -5.05 21.69 14.17
C ARG B 175 -6.10 21.73 15.27
N GLU B 176 -7.31 21.18 15.01
CA GLU B 176 -8.42 21.11 15.98
C GLU B 176 -8.00 20.31 17.24
N LEU B 177 -7.38 19.14 17.04
CA LEU B 177 -6.97 18.28 18.13
C LEU B 177 -5.86 18.88 18.99
N THR B 178 -4.99 19.70 18.41
CA THR B 178 -3.93 20.39 19.14
C THR B 178 -4.55 21.44 20.08
N HIS B 179 -5.59 22.13 19.60
CA HIS B 179 -6.30 23.11 20.42
C HIS B 179 -7.08 22.41 21.53
N LEU B 180 -7.77 21.30 21.19
CA LEU B 180 -8.55 20.48 22.14
C LEU B 180 -7.66 19.91 23.25
N SER B 181 -6.44 19.46 22.90
CA SER B 181 -5.49 18.92 23.88
C SER B 181 -5.03 19.93 24.93
N GLU B 182 -5.22 21.25 24.65
CA GLU B 182 -4.86 22.34 25.56
C GLU B 182 -6.02 22.76 26.49
N MET B 183 -7.26 22.39 26.13
CA MET B 183 -8.48 22.69 26.90
C MET B 183 -8.54 22.07 28.30
N SER B 184 -8.40 20.73 28.42
CA SER B 184 -8.47 19.99 29.69
C SER B 184 -7.67 18.70 29.62
N ARG B 185 -7.55 17.94 30.74
CA ARG B 185 -6.87 16.63 30.72
C ARG B 185 -7.71 15.64 29.88
N CYS B 186 -9.05 15.83 29.88
CA CYS B 186 -10.05 15.07 29.14
C CYS B 186 -9.93 15.35 27.66
N GLY B 187 -9.86 16.64 27.29
CA GLY B 187 -9.70 17.05 25.89
C GLY B 187 -8.44 16.45 25.31
N ASN B 188 -7.37 16.43 26.12
CA ASN B 188 -6.08 15.85 25.75
C ASN B 188 -6.17 14.34 25.51
N GLN B 189 -6.87 13.58 26.38
CA GLN B 189 -6.96 12.14 26.09
C GLN B 189 -7.90 11.83 24.93
N VAL B 190 -8.93 12.67 24.69
CA VAL B 190 -9.82 12.53 23.54
C VAL B 190 -9.05 12.83 22.27
N SER B 191 -8.22 13.89 22.27
CA SER B 191 -7.39 14.25 21.13
C SER B 191 -6.37 13.16 20.84
N GLU B 192 -5.77 12.57 21.89
CA GLU B 192 -4.81 11.47 21.74
C GLU B 192 -5.47 10.19 21.16
N TYR B 193 -6.68 9.84 21.63
CA TYR B 193 -7.42 8.71 21.10
C TYR B 193 -7.70 8.85 19.60
N ILE B 194 -8.30 9.99 19.20
CA ILE B 194 -8.70 10.29 17.83
C ILE B 194 -7.49 10.38 16.90
N SER B 195 -6.43 11.08 17.34
CA SER B 195 -5.19 11.23 16.58
C SER B 195 -4.53 9.86 16.27
N ASN B 196 -4.43 8.99 17.30
CA ASN B 196 -3.81 7.68 17.18
C ASN B 196 -4.59 6.66 16.36
N THR B 197 -5.92 6.79 16.35
CA THR B 197 -6.79 5.84 15.68
C THR B 197 -7.14 6.23 14.24
N PHE B 198 -7.49 7.51 14.00
CA PHE B 198 -8.05 8.00 12.74
C PHE B 198 -7.11 8.80 11.87
N LEU B 199 -5.89 9.03 12.34
CA LEU B 199 -4.84 9.70 11.58
C LEU B 199 -3.70 8.70 11.29
N ASP B 200 -2.88 8.99 10.26
CA ASP B 200 -1.80 8.10 9.83
C ASP B 200 -0.35 8.64 10.13
N LYS B 201 0.05 8.64 11.43
CA LYS B 201 1.38 8.98 11.99
C LYS B 201 1.36 9.10 13.52
N PHE B 247 38.64 -16.77 15.16
CA PHE B 247 39.91 -16.99 14.47
C PHE B 247 39.72 -17.20 12.95
N GLY B 248 40.83 -17.15 12.22
CA GLY B 248 40.86 -17.37 10.78
C GLY B 248 41.59 -18.66 10.39
N VAL B 249 41.27 -19.17 9.18
CA VAL B 249 41.90 -20.39 8.63
C VAL B 249 42.82 -20.03 7.44
N ASN B 250 43.94 -20.75 7.34
CA ASN B 250 44.88 -20.56 6.25
C ASN B 250 44.76 -21.69 5.22
N THR B 251 43.99 -21.46 4.15
CA THR B 251 43.75 -22.40 3.04
C THR B 251 43.88 -21.71 1.68
N GLU B 252 44.16 -22.49 0.61
CA GLU B 252 44.27 -22.00 -0.76
C GLU B 252 42.99 -21.24 -1.16
N ASN B 253 41.80 -21.80 -0.80
CA ASN B 253 40.51 -21.16 -1.07
C ASN B 253 40.38 -19.82 -0.33
N GLU B 254 40.93 -19.70 0.89
CA GLU B 254 40.88 -18.47 1.67
C GLU B 254 41.76 -17.36 1.08
N ASP B 255 42.93 -17.72 0.54
CA ASP B 255 43.87 -16.83 -0.16
C ASP B 255 43.22 -16.29 -1.42
N HIS B 256 42.51 -17.18 -2.16
CA HIS B 256 41.78 -16.84 -3.37
C HIS B 256 40.60 -15.91 -3.05
N LEU B 257 39.94 -16.13 -1.90
CA LEU B 257 38.82 -15.34 -1.41
C LEU B 257 39.30 -13.94 -1.08
N ALA B 258 40.43 -13.82 -0.37
CA ALA B 258 41.02 -12.54 -0.01
C ALA B 258 41.39 -11.73 -1.26
N LYS B 259 41.87 -12.45 -2.32
CA LYS B 259 42.22 -11.88 -3.62
C LYS B 259 40.96 -11.33 -4.31
N GLU B 260 39.85 -12.11 -4.34
CA GLU B 260 38.59 -11.64 -4.92
C GLU B 260 38.04 -10.45 -4.12
N LEU B 261 38.11 -10.52 -2.76
CA LEU B 261 37.58 -9.49 -1.88
C LEU B 261 38.32 -8.15 -1.97
N GLU B 262 39.41 -8.07 -2.77
CA GLU B 262 40.13 -6.82 -3.02
C GLU B 262 39.26 -5.92 -3.89
N ASP B 263 38.33 -6.52 -4.64
CA ASP B 263 37.41 -5.79 -5.50
C ASP B 263 36.08 -5.45 -4.81
N LEU B 264 35.98 -5.62 -3.47
CA LEU B 264 34.79 -5.35 -2.67
C LEU B 264 34.10 -4.03 -2.99
N ASN B 265 34.90 -2.96 -3.12
CA ASN B 265 34.43 -1.60 -3.36
C ASN B 265 34.30 -1.26 -4.84
N LYS B 266 34.47 -2.26 -5.71
CA LYS B 266 34.39 -2.10 -7.17
C LYS B 266 33.16 -2.81 -7.76
N TRP B 267 32.60 -2.18 -8.82
CA TRP B 267 31.49 -2.71 -9.61
C TRP B 267 31.94 -4.01 -10.31
N GLY B 268 33.25 -4.15 -10.52
CA GLY B 268 33.87 -5.28 -11.18
C GLY B 268 34.13 -6.52 -10.34
N LEU B 269 33.64 -6.58 -9.09
CA LEU B 269 33.82 -7.77 -8.27
C LEU B 269 33.11 -8.95 -8.92
N ASN B 270 33.73 -10.16 -8.91
CA ASN B 270 33.11 -11.38 -9.43
C ASN B 270 32.55 -12.17 -8.23
N ILE B 271 31.23 -12.18 -8.11
CA ILE B 271 30.58 -12.84 -6.99
C ILE B 271 30.54 -14.36 -7.20
N PHE B 272 30.61 -14.83 -8.46
CA PHE B 272 30.64 -16.27 -8.77
C PHE B 272 31.90 -16.87 -8.18
N ASN B 273 33.04 -16.15 -8.29
CA ASN B 273 34.31 -16.58 -7.71
C ASN B 273 34.26 -16.54 -6.19
N VAL B 274 33.65 -15.48 -5.60
CA VAL B 274 33.47 -15.37 -4.14
C VAL B 274 32.74 -16.62 -3.62
N ALA B 275 31.63 -17.05 -4.29
CA ALA B 275 30.86 -18.26 -3.94
C ALA B 275 31.76 -19.52 -3.95
N GLY B 276 32.55 -19.68 -5.03
CA GLY B 276 33.47 -20.79 -5.21
C GLY B 276 34.57 -20.88 -4.17
N TYR B 277 35.05 -19.73 -3.66
CA TYR B 277 36.13 -19.69 -2.67
C TYR B 277 35.66 -19.56 -1.22
N SER B 278 34.36 -19.60 -0.98
CA SER B 278 33.81 -19.43 0.36
C SER B 278 32.89 -20.56 0.80
N HIS B 279 33.01 -21.73 0.14
CA HIS B 279 32.22 -22.94 0.37
C HIS B 279 30.76 -22.70 0.04
N ASN B 280 30.52 -22.03 -1.09
CA ASN B 280 29.20 -21.64 -1.59
C ASN B 280 28.40 -20.88 -0.53
N ARG B 281 29.05 -19.90 0.10
CA ARG B 281 28.40 -19.04 1.09
C ARG B 281 28.73 -17.61 0.73
N PRO B 282 28.36 -17.14 -0.48
CA PRO B 282 28.74 -15.78 -0.87
C PRO B 282 28.09 -14.70 -0.05
N LEU B 283 26.86 -14.92 0.43
CA LEU B 283 26.12 -13.93 1.19
C LEU B 283 26.80 -13.63 2.54
N THR B 284 27.19 -14.67 3.30
CA THR B 284 27.89 -14.51 4.58
C THR B 284 29.25 -13.88 4.35
N ALA B 285 30.01 -14.38 3.35
CA ALA B 285 31.35 -13.89 3.03
C ALA B 285 31.30 -12.40 2.66
N ILE B 286 30.41 -12.01 1.73
CA ILE B 286 30.33 -10.63 1.26
C ILE B 286 29.78 -9.68 2.36
N MET B 287 28.76 -10.12 3.13
CA MET B 287 28.21 -9.29 4.20
C MET B 287 29.21 -9.03 5.33
N TYR B 288 30.02 -10.03 5.67
CA TYR B 288 31.04 -9.89 6.69
C TYR B 288 32.14 -8.92 6.21
N ALA B 289 32.53 -9.01 4.92
CA ALA B 289 33.50 -8.12 4.29
C ALA B 289 32.99 -6.65 4.31
N ILE B 290 31.73 -6.43 3.89
CA ILE B 290 31.05 -5.13 3.86
C ILE B 290 31.00 -4.49 5.25
N PHE B 291 30.57 -5.28 6.26
CA PHE B 291 30.42 -4.83 7.64
C PHE B 291 31.75 -4.47 8.27
N GLN B 292 32.83 -5.16 7.88
CA GLN B 292 34.17 -4.86 8.39
C GLN B 292 34.73 -3.66 7.67
N GLU B 293 34.56 -3.59 6.35
CA GLU B 293 35.00 -2.48 5.52
C GLU B 293 34.42 -1.16 6.03
N ARG B 294 33.12 -1.15 6.32
CA ARG B 294 32.37 0.01 6.77
C ARG B 294 32.36 0.16 8.28
N ASP B 295 33.02 -0.76 9.00
CA ASP B 295 33.10 -0.71 10.48
C ASP B 295 31.72 -0.75 11.18
N LEU B 296 30.71 -1.40 10.58
CA LEU B 296 29.34 -1.48 11.12
C LEU B 296 29.22 -2.35 12.38
N LEU B 297 30.08 -3.37 12.51
CA LEU B 297 30.06 -4.25 13.68
C LEU B 297 30.46 -3.45 14.94
N LYS B 298 31.46 -2.56 14.83
CA LYS B 298 31.90 -1.71 15.93
C LYS B 298 30.88 -0.60 16.21
N THR B 299 30.41 0.12 15.16
CA THR B 299 29.42 1.20 15.28
C THR B 299 28.15 0.74 15.99
N PHE B 300 27.60 -0.41 15.59
CA PHE B 300 26.33 -0.87 16.12
C PHE B 300 26.44 -1.98 17.15
N ARG B 301 27.65 -2.16 17.71
CA ARG B 301 27.97 -3.11 18.78
C ARG B 301 27.45 -4.52 18.46
N ILE B 302 27.78 -5.01 17.25
CA ILE B 302 27.39 -6.35 16.79
C ILE B 302 28.58 -7.29 16.97
N SER B 303 28.47 -8.31 17.82
CA SER B 303 29.57 -9.28 17.96
C SER B 303 29.63 -10.12 16.67
N SER B 304 30.82 -10.57 16.26
CA SER B 304 31.02 -11.41 15.07
C SER B 304 30.19 -12.69 15.12
N ASP B 305 30.09 -13.33 16.30
CA ASP B 305 29.30 -14.54 16.52
C ASP B 305 27.84 -14.26 16.15
N THR B 306 27.24 -13.14 16.70
CA THR B 306 25.84 -12.78 16.41
C THR B 306 25.66 -12.57 14.92
N PHE B 307 26.55 -11.76 14.32
CA PHE B 307 26.56 -11.44 12.91
C PHE B 307 26.62 -12.66 12.01
N ILE B 308 27.55 -13.60 12.27
CA ILE B 308 27.75 -14.79 11.48
C ILE B 308 26.59 -15.78 11.73
N THR B 309 26.08 -15.90 12.99
CA THR B 309 24.90 -16.74 13.33
C THR B 309 23.72 -16.26 12.46
N TYR B 310 23.46 -14.94 12.43
CA TYR B 310 22.36 -14.39 11.65
C TYR B 310 22.55 -14.62 10.14
N MET B 311 23.70 -14.24 9.60
CA MET B 311 24.01 -14.34 8.18
C MET B 311 23.93 -15.77 7.66
N MET B 312 24.42 -16.72 8.46
CA MET B 312 24.37 -18.13 8.11
C MET B 312 22.95 -18.68 8.01
N THR B 313 22.05 -18.31 8.94
CA THR B 313 20.65 -18.72 8.93
C THR B 313 19.94 -18.04 7.79
N LEU B 314 20.24 -16.74 7.56
CA LEU B 314 19.68 -15.99 6.46
C LEU B 314 20.04 -16.71 5.14
N GLU B 315 21.32 -17.04 4.94
CA GLU B 315 21.80 -17.75 3.76
C GLU B 315 21.13 -19.14 3.60
N ASP B 316 20.91 -19.84 4.72
CA ASP B 316 20.27 -21.15 4.79
C ASP B 316 18.80 -21.06 4.36
N HIS B 317 18.16 -19.91 4.56
CA HIS B 317 16.77 -19.67 4.20
C HIS B 317 16.61 -19.21 2.73
N TYR B 318 17.73 -19.07 1.99
CA TYR B 318 17.72 -18.86 0.53
C TYR B 318 17.75 -20.29 -0.04
N HIS B 319 16.90 -20.61 -1.02
CA HIS B 319 16.81 -21.97 -1.58
C HIS B 319 17.99 -22.29 -2.49
N SER B 320 18.64 -23.43 -2.27
CA SER B 320 19.77 -23.83 -3.13
C SER B 320 19.31 -24.32 -4.50
N ASP B 321 18.13 -24.94 -4.56
CA ASP B 321 17.54 -25.55 -5.76
C ASP B 321 16.73 -24.56 -6.66
N VAL B 322 16.87 -23.25 -6.38
CA VAL B 322 16.30 -22.14 -7.13
C VAL B 322 17.52 -21.53 -7.90
N ALA B 323 17.46 -21.47 -9.24
CA ALA B 323 18.60 -21.06 -10.08
C ALA B 323 19.02 -19.62 -9.95
N TYR B 324 18.07 -18.69 -9.78
CA TYR B 324 18.41 -17.27 -9.72
C TYR B 324 18.22 -16.63 -8.34
N HIS B 325 17.01 -16.72 -7.75
CA HIS B 325 16.70 -16.04 -6.50
C HIS B 325 17.22 -16.80 -5.28
N ASN B 326 18.56 -17.00 -5.24
CA ASN B 326 19.27 -17.71 -4.18
C ASN B 326 20.25 -16.75 -3.48
N SER B 327 21.07 -17.25 -2.54
CA SER B 327 22.01 -16.40 -1.79
C SER B 327 23.05 -15.70 -2.64
N LEU B 328 23.36 -16.25 -3.81
CA LEU B 328 24.34 -15.66 -4.72
C LEU B 328 23.78 -14.35 -5.31
N HIS B 329 22.48 -14.32 -5.63
CA HIS B 329 21.81 -13.13 -6.12
C HIS B 329 21.72 -12.05 -5.00
N ALA B 330 21.37 -12.48 -3.76
CA ALA B 330 21.33 -11.60 -2.57
C ALA B 330 22.73 -10.99 -2.31
N ALA B 331 23.81 -11.81 -2.38
CA ALA B 331 25.19 -11.35 -2.16
C ALA B 331 25.55 -10.27 -3.19
N ASP B 332 25.14 -10.49 -4.44
CA ASP B 332 25.33 -9.60 -5.56
C ASP B 332 24.66 -8.27 -5.35
N VAL B 333 23.36 -8.30 -4.94
CA VAL B 333 22.59 -7.08 -4.68
C VAL B 333 23.20 -6.34 -3.45
N ALA B 334 23.55 -7.05 -2.35
CA ALA B 334 24.16 -6.43 -1.18
C ALA B 334 25.50 -5.75 -1.53
N GLN B 335 26.34 -6.43 -2.34
CA GLN B 335 27.62 -5.90 -2.78
C GLN B 335 27.44 -4.70 -3.70
N SER B 336 26.48 -4.78 -4.65
CA SER B 336 26.19 -3.68 -5.57
C SER B 336 25.66 -2.47 -4.80
N THR B 337 24.79 -2.67 -3.79
CA THR B 337 24.25 -1.61 -2.90
C THR B 337 25.41 -0.94 -2.14
N HIS B 338 26.36 -1.75 -1.63
CA HIS B 338 27.55 -1.25 -0.90
C HIS B 338 28.38 -0.30 -1.78
N VAL B 339 28.55 -0.67 -3.07
CA VAL B 339 29.28 0.15 -4.05
C VAL B 339 28.51 1.44 -4.33
N LEU B 340 27.20 1.34 -4.58
CA LEU B 340 26.35 2.50 -4.85
C LEU B 340 26.33 3.47 -3.68
N LEU B 341 26.33 2.96 -2.43
CA LEU B 341 26.39 3.83 -1.24
C LEU B 341 27.68 4.66 -1.20
N SER B 342 28.76 4.17 -1.83
CA SER B 342 30.06 4.82 -1.87
C SER B 342 30.23 5.84 -3.03
N THR B 343 29.17 6.05 -3.82
CA THR B 343 29.17 7.02 -4.95
C THR B 343 29.63 8.38 -4.39
N PRO B 344 30.68 9.01 -4.99
CA PRO B 344 31.13 10.32 -4.49
C PRO B 344 30.02 11.38 -4.38
N ALA B 345 29.09 11.42 -5.36
CA ALA B 345 27.98 12.37 -5.34
C ALA B 345 27.07 12.20 -4.11
N LEU B 346 27.13 11.03 -3.44
CA LEU B 346 26.31 10.76 -2.25
C LEU B 346 27.16 10.70 -0.96
N ASP B 347 28.34 11.35 -0.96
CA ASP B 347 29.26 11.39 0.19
C ASP B 347 28.68 12.14 1.39
N ALA B 348 28.70 11.50 2.61
CA ALA B 348 28.23 12.01 3.91
C ALA B 348 26.71 12.35 3.97
N VAL B 349 25.96 11.97 2.93
CA VAL B 349 24.51 12.18 2.81
C VAL B 349 23.75 11.25 3.81
N PHE B 350 24.13 9.95 3.88
CA PHE B 350 23.42 8.97 4.71
C PHE B 350 24.06 8.72 6.04
N THR B 351 23.22 8.53 7.05
CA THR B 351 23.65 8.23 8.42
C THR B 351 24.14 6.77 8.44
N ASP B 352 24.80 6.35 9.52
CA ASP B 352 25.27 4.98 9.69
C ASP B 352 24.08 4.02 9.73
N LEU B 353 22.96 4.46 10.33
CA LEU B 353 21.72 3.69 10.42
C LEU B 353 21.09 3.45 9.04
N GLU B 354 21.12 4.46 8.14
CA GLU B 354 20.58 4.37 6.78
C GLU B 354 21.40 3.41 5.94
N ILE B 355 22.74 3.45 6.12
CA ILE B 355 23.69 2.56 5.46
C ILE B 355 23.43 1.13 5.92
N LEU B 356 23.27 0.91 7.24
CA LEU B 356 22.96 -0.39 7.85
C LEU B 356 21.65 -0.96 7.26
N ALA B 357 20.62 -0.11 7.16
CA ALA B 357 19.30 -0.45 6.62
C ALA B 357 19.34 -0.88 5.16
N ALA B 358 20.09 -0.14 4.31
CA ALA B 358 20.18 -0.42 2.88
C ALA B 358 20.86 -1.75 2.59
N ILE B 359 22.00 -2.00 3.26
CA ILE B 359 22.75 -3.24 3.07
C ILE B 359 21.97 -4.42 3.60
N PHE B 360 21.31 -4.25 4.77
CA PHE B 360 20.43 -5.29 5.33
C PHE B 360 19.21 -5.57 4.42
N ALA B 361 18.52 -4.52 3.92
CA ALA B 361 17.40 -4.68 2.98
C ALA B 361 17.86 -5.48 1.77
N ALA B 362 19.02 -5.10 1.17
CA ALA B 362 19.60 -5.79 0.02
C ALA B 362 19.88 -7.28 0.31
N ALA B 363 20.45 -7.60 1.50
CA ALA B 363 20.72 -9.00 1.87
C ALA B 363 19.48 -9.84 2.07
N ILE B 364 18.39 -9.29 2.64
CA ILE B 364 17.17 -10.06 2.94
C ILE B 364 16.09 -9.97 1.85
N HIS B 365 16.26 -9.10 0.85
CA HIS B 365 15.22 -8.75 -0.12
C HIS B 365 14.61 -9.93 -0.88
N ASP B 366 15.25 -11.11 -0.97
CA ASP B 366 14.70 -12.29 -1.67
C ASP B 366 14.69 -13.58 -0.83
N VAL B 367 14.90 -13.46 0.48
CA VAL B 367 14.98 -14.64 1.34
C VAL B 367 13.73 -15.52 1.26
N ASP B 368 13.93 -16.83 1.14
CA ASP B 368 12.85 -17.83 1.08
C ASP B 368 12.02 -17.72 -0.20
N HIS B 369 12.67 -17.31 -1.28
CA HIS B 369 12.02 -17.20 -2.56
C HIS B 369 11.80 -18.63 -3.11
N PRO B 370 10.54 -18.97 -3.51
CA PRO B 370 10.27 -20.33 -4.02
C PRO B 370 10.65 -20.57 -5.48
N GLY B 371 11.15 -19.55 -6.17
CA GLY B 371 11.56 -19.65 -7.58
C GLY B 371 10.41 -19.59 -8.57
N VAL B 372 9.30 -18.94 -8.16
CA VAL B 372 8.06 -18.72 -8.91
C VAL B 372 7.58 -17.29 -8.61
N SER B 373 6.96 -16.61 -9.60
CA SER B 373 6.48 -15.24 -9.50
C SER B 373 5.27 -15.06 -8.55
N ASN B 374 4.96 -13.78 -8.21
CA ASN B 374 3.78 -13.45 -7.40
C ASN B 374 2.54 -13.91 -8.15
N GLN B 375 2.50 -13.69 -9.49
CA GLN B 375 1.36 -14.11 -10.32
C GLN B 375 1.15 -15.65 -10.29
N PHE B 376 2.24 -16.44 -10.31
CA PHE B 376 2.09 -17.87 -10.14
C PHE B 376 1.47 -18.19 -8.76
N LEU B 377 1.93 -17.51 -7.69
CA LEU B 377 1.42 -17.72 -6.34
C LEU B 377 -0.06 -17.36 -6.19
N ILE B 378 -0.50 -16.30 -6.89
CA ILE B 378 -1.91 -15.86 -6.91
C ILE B 378 -2.77 -16.88 -7.68
N ASN B 379 -2.33 -17.28 -8.90
CA ASN B 379 -3.05 -18.19 -9.78
C ASN B 379 -3.25 -19.59 -9.23
N THR B 380 -2.29 -20.09 -8.43
CA THR B 380 -2.34 -21.44 -7.86
C THR B 380 -3.00 -21.46 -6.48
N ASN B 381 -3.53 -20.30 -6.02
CA ASN B 381 -4.18 -20.12 -4.73
C ASN B 381 -3.26 -20.61 -3.59
N SER B 382 -1.99 -20.20 -3.64
CA SER B 382 -1.00 -20.60 -2.65
C SER B 382 -1.32 -20.04 -1.27
N GLU B 383 -0.76 -20.65 -0.21
CA GLU B 383 -0.91 -20.18 1.16
C GLU B 383 -0.40 -18.76 1.30
N LEU B 384 0.71 -18.47 0.64
CA LEU B 384 1.39 -17.19 0.62
C LEU B 384 0.50 -16.10 0.04
N ALA B 385 -0.15 -16.35 -1.12
CA ALA B 385 -1.07 -15.39 -1.76
C ALA B 385 -2.30 -15.13 -0.87
N LEU B 386 -2.78 -16.18 -0.21
CA LEU B 386 -3.89 -16.16 0.72
C LEU B 386 -3.56 -15.34 1.95
N MET B 387 -2.37 -15.54 2.50
CA MET B 387 -1.90 -14.82 3.65
C MET B 387 -1.72 -13.35 3.37
N TYR B 388 -1.16 -13.02 2.17
CA TYR B 388 -0.83 -11.64 1.85
C TYR B 388 -1.83 -10.93 0.95
N ASN B 389 -3.03 -11.52 0.75
CA ASN B 389 -4.12 -10.88 0.01
C ASN B 389 -3.72 -10.40 -1.38
N ASP B 390 -2.90 -11.24 -2.06
CA ASP B 390 -2.42 -11.05 -3.43
C ASP B 390 -1.53 -9.78 -3.64
N GLU B 391 -1.20 -8.98 -2.57
CA GLU B 391 -0.39 -7.77 -2.71
C GLU B 391 1.04 -7.96 -2.27
N SER B 392 2.02 -7.72 -3.18
CA SER B 392 3.48 -7.88 -2.94
C SER B 392 3.71 -9.13 -2.09
N VAL B 393 3.14 -10.28 -2.53
CA VAL B 393 3.17 -11.56 -1.81
C VAL B 393 4.58 -11.93 -1.35
N LEU B 394 5.52 -12.05 -2.30
CA LEU B 394 6.90 -12.41 -2.03
C LEU B 394 7.65 -11.38 -1.20
N GLU B 395 7.52 -10.10 -1.56
CA GLU B 395 8.21 -8.99 -0.89
C GLU B 395 7.81 -8.88 0.59
N ASN B 396 6.52 -9.13 0.91
CA ASN B 396 6.04 -9.16 2.28
C ASN B 396 6.63 -10.34 3.06
N HIS B 397 6.65 -11.50 2.43
CA HIS B 397 7.23 -12.73 2.95
C HIS B 397 8.76 -12.60 3.24
N HIS B 398 9.53 -11.96 2.32
CA HIS B 398 10.98 -11.76 2.47
C HIS B 398 11.29 -10.96 3.73
N LEU B 399 10.47 -9.94 3.98
CA LEU B 399 10.56 -9.09 5.15
C LEU B 399 10.21 -9.88 6.43
N ALA B 400 9.07 -10.62 6.40
CA ALA B 400 8.63 -11.39 7.55
C ALA B 400 9.73 -12.39 7.97
N VAL B 401 10.31 -13.16 7.01
CA VAL B 401 11.39 -14.12 7.30
C VAL B 401 12.61 -13.37 7.82
N GLY B 402 13.06 -12.35 7.09
CA GLY B 402 14.22 -11.54 7.46
C GLY B 402 14.19 -11.02 8.89
N PHE B 403 13.07 -10.43 9.31
CA PHE B 403 12.87 -9.94 10.68
C PHE B 403 12.64 -11.08 11.70
N LYS B 404 11.99 -12.19 11.28
CA LYS B 404 11.74 -13.32 12.17
C LYS B 404 13.05 -14.02 12.60
N LEU B 405 14.03 -14.10 11.66
CA LEU B 405 15.32 -14.74 11.90
C LEU B 405 16.14 -14.05 12.99
N LEU B 406 15.82 -12.79 13.32
CA LEU B 406 16.48 -12.03 14.39
C LEU B 406 16.15 -12.63 15.76
N GLN B 407 15.06 -13.41 15.82
CA GLN B 407 14.55 -14.03 17.06
C GLN B 407 15.22 -15.36 17.33
N GLU B 408 16.03 -15.86 16.39
CA GLU B 408 16.77 -17.08 16.56
C GLU B 408 17.87 -16.87 17.64
N GLU B 409 18.33 -17.96 18.29
CA GLU B 409 19.32 -17.85 19.37
C GLU B 409 20.59 -17.15 18.95
N HIS B 410 20.96 -16.10 19.70
CA HIS B 410 22.15 -15.25 19.51
C HIS B 410 22.31 -14.79 18.04
N ALA B 411 21.20 -14.35 17.41
CA ALA B 411 21.16 -13.85 16.01
C ALA B 411 20.62 -12.43 15.88
N ASP B 412 20.33 -11.77 17.01
CA ASP B 412 19.78 -10.41 16.95
C ASP B 412 20.86 -9.38 16.68
N ILE B 413 21.15 -9.13 15.40
CA ILE B 413 22.16 -8.17 14.99
C ILE B 413 21.76 -6.73 15.34
N PHE B 414 20.50 -6.48 15.73
CA PHE B 414 20.05 -5.13 16.09
C PHE B 414 19.82 -4.96 17.61
N MET B 415 20.23 -5.97 18.41
CA MET B 415 20.07 -6.00 19.87
C MET B 415 20.64 -4.78 20.61
N ASN B 416 21.76 -4.18 20.13
CA ASN B 416 22.34 -3.06 20.84
C ASN B 416 22.05 -1.70 20.21
N LEU B 417 20.96 -1.61 19.42
CA LEU B 417 20.51 -0.31 18.89
C LEU B 417 19.46 0.20 19.90
N THR B 418 19.21 1.51 19.92
CA THR B 418 18.15 2.07 20.78
C THR B 418 16.79 1.66 20.17
N LYS B 419 15.72 1.70 20.98
CA LYS B 419 14.35 1.38 20.53
C LYS B 419 14.00 2.28 19.31
N LYS B 420 14.33 3.58 19.37
CA LYS B 420 14.09 4.53 18.29
C LYS B 420 14.83 4.15 17.00
N GLN B 421 16.11 3.72 17.13
CA GLN B 421 16.93 3.28 15.99
C GLN B 421 16.35 2.04 15.33
N ARG B 422 15.88 1.06 16.13
CA ARG B 422 15.22 -0.15 15.61
C ARG B 422 13.92 0.22 14.89
N GLN B 423 13.14 1.19 15.43
CA GLN B 423 11.87 1.62 14.82
C GLN B 423 12.12 2.26 13.46
N THR B 424 13.12 3.13 13.39
CA THR B 424 13.53 3.82 12.17
C THR B 424 14.10 2.85 11.13
N LEU B 425 15.04 1.98 11.54
CA LEU B 425 15.62 0.98 10.65
C LEU B 425 14.54 0.08 10.09
N ARG B 426 13.67 -0.46 10.96
CA ARG B 426 12.60 -1.36 10.54
C ARG B 426 11.74 -0.69 9.46
N LYS B 427 11.35 0.58 9.66
CA LYS B 427 10.53 1.37 8.72
C LYS B 427 11.25 1.51 7.37
N MET B 428 12.55 1.86 7.39
CA MET B 428 13.34 2.00 6.18
C MET B 428 13.49 0.69 5.40
N VAL B 429 13.76 -0.43 6.11
CA VAL B 429 13.95 -1.76 5.52
C VAL B 429 12.66 -2.23 4.84
N ILE B 430 11.50 -2.10 5.50
CA ILE B 430 10.19 -2.48 4.95
C ILE B 430 9.97 -1.69 3.66
N ASP B 431 10.21 -0.41 3.72
CA ASP B 431 10.07 0.50 2.60
C ASP B 431 10.91 0.05 1.39
N MET B 432 12.20 -0.24 1.63
CA MET B 432 13.15 -0.69 0.61
C MET B 432 12.83 -2.05 0.01
N VAL B 433 12.49 -3.04 0.84
CA VAL B 433 12.17 -4.39 0.31
C VAL B 433 10.83 -4.38 -0.44
N LEU B 434 9.84 -3.60 0.04
CA LEU B 434 8.58 -3.53 -0.70
C LEU B 434 8.78 -2.88 -2.08
N ALA B 435 9.75 -1.95 -2.20
CA ALA B 435 10.06 -1.28 -3.46
C ALA B 435 10.75 -2.21 -4.49
N THR B 436 11.17 -3.43 -4.07
CA THR B 436 11.79 -4.38 -4.99
C THR B 436 10.75 -5.16 -5.80
N ASP B 437 9.44 -4.99 -5.47
CA ASP B 437 8.32 -5.58 -6.22
C ASP B 437 8.42 -4.93 -7.61
N MET B 438 8.68 -5.73 -8.64
CA MET B 438 8.88 -5.25 -10.01
C MET B 438 7.70 -4.47 -10.57
N SER B 439 6.49 -4.76 -10.10
CA SER B 439 5.28 -4.07 -10.56
C SER B 439 5.19 -2.61 -10.04
N LYS B 440 6.06 -2.24 -9.10
CA LYS B 440 6.15 -0.90 -8.52
C LYS B 440 7.25 -0.10 -9.25
N HIS B 441 7.91 -0.72 -10.26
CA HIS B 441 9.01 -0.11 -11.03
C HIS B 441 8.75 1.32 -11.51
N MET B 442 7.57 1.59 -12.13
CA MET B 442 7.27 2.92 -12.66
C MET B 442 7.15 3.99 -11.57
N SER B 443 6.68 3.62 -10.36
CA SER B 443 6.57 4.51 -9.20
C SER B 443 7.94 4.94 -8.75
N LEU B 444 8.88 3.99 -8.68
CA LEU B 444 10.25 4.30 -8.27
C LEU B 444 10.91 5.20 -9.29
N LEU B 445 10.73 4.87 -10.59
CA LEU B 445 11.26 5.63 -11.72
C LEU B 445 10.76 7.07 -11.66
N ALA B 446 9.44 7.26 -11.39
CA ALA B 446 8.76 8.54 -11.22
C ALA B 446 9.42 9.35 -10.10
N ASP B 447 9.61 8.73 -8.93
CA ASP B 447 10.24 9.34 -7.76
C ASP B 447 11.69 9.77 -8.03
N LEU B 448 12.49 8.88 -8.66
CA LEU B 448 13.88 9.15 -9.02
C LEU B 448 13.97 10.32 -10.00
N LYS B 449 13.05 10.36 -11.02
CA LYS B 449 12.99 11.42 -12.01
C LYS B 449 12.68 12.79 -11.39
N THR B 450 11.73 12.86 -10.41
CA THR B 450 11.40 14.15 -9.75
C THR B 450 12.59 14.65 -8.95
N MET B 451 13.34 13.72 -8.35
CA MET B 451 14.53 13.99 -7.55
C MET B 451 15.66 14.61 -8.38
N VAL B 452 15.81 14.15 -9.64
CA VAL B 452 16.79 14.62 -10.62
C VAL B 452 16.44 16.06 -10.98
N GLU B 453 15.15 16.31 -11.32
CA GLU B 453 14.64 17.63 -11.72
C GLU B 453 14.84 18.73 -10.68
N THR B 454 14.67 18.39 -9.39
CA THR B 454 14.79 19.33 -8.26
C THR B 454 16.13 19.20 -7.53
N LYS B 455 17.13 18.51 -8.12
CA LYS B 455 18.40 18.25 -7.44
C LYS B 455 19.21 19.51 -7.15
N LYS B 456 19.67 19.57 -5.90
CA LYS B 456 20.51 20.61 -5.31
C LYS B 456 21.85 19.98 -4.96
N VAL B 457 22.93 20.65 -5.31
CA VAL B 457 24.29 20.19 -5.07
C VAL B 457 25.12 21.29 -4.38
N THR B 458 26.01 20.89 -3.44
CA THR B 458 26.88 21.83 -2.71
C THR B 458 28.09 22.29 -3.59
N SER B 459 29.07 22.98 -2.97
CA SER B 459 30.29 23.47 -3.63
C SER B 459 31.20 22.33 -4.13
N SER B 460 31.14 21.16 -3.46
CA SER B 460 31.93 19.95 -3.69
C SER B 460 31.94 19.39 -5.15
N GLY B 461 30.80 19.11 -5.81
CA GLY B 461 29.41 19.27 -5.39
C GLY B 461 28.67 17.97 -5.15
N VAL B 462 28.52 17.61 -3.88
CA VAL B 462 27.85 16.41 -3.40
C VAL B 462 26.36 16.72 -3.27
N LEU B 463 25.49 15.77 -3.67
CA LEU B 463 24.03 15.87 -3.61
C LEU B 463 23.53 16.28 -2.22
N LEU B 464 22.45 17.05 -2.19
CA LEU B 464 21.82 17.50 -0.96
C LEU B 464 20.43 16.92 -0.85
N LEU B 465 20.19 16.14 0.21
CA LEU B 465 18.90 15.53 0.52
C LEU B 465 18.53 15.97 1.94
N ASP B 466 17.80 17.10 2.03
CA ASP B 466 17.39 17.81 3.25
C ASP B 466 16.66 16.95 4.28
N ASN B 467 15.55 16.31 3.86
CA ASN B 467 14.71 15.52 4.74
C ASN B 467 14.80 14.01 4.50
N TYR B 468 14.10 13.24 5.36
CA TYR B 468 14.02 11.78 5.32
C TYR B 468 13.37 11.26 4.02
N THR B 469 12.27 11.88 3.59
CA THR B 469 11.54 11.48 2.38
C THR B 469 12.42 11.42 1.16
N ASP B 470 13.29 12.44 0.98
CA ASP B 470 14.21 12.48 -0.15
C ASP B 470 15.20 11.34 -0.06
N ARG B 471 15.75 11.16 1.14
CA ARG B 471 16.73 10.12 1.47
C ARG B 471 16.21 8.70 1.17
N ILE B 472 14.97 8.39 1.62
CA ILE B 472 14.37 7.07 1.40
C ILE B 472 13.99 6.84 -0.09
N GLN B 473 13.63 7.90 -0.83
CA GLN B 473 13.32 7.78 -2.25
C GLN B 473 14.58 7.37 -3.02
N VAL B 474 15.75 7.90 -2.60
CA VAL B 474 17.03 7.57 -3.23
C VAL B 474 17.47 6.14 -2.89
N LEU B 475 17.35 5.79 -1.59
CA LEU B 475 17.71 4.48 -1.05
C LEU B 475 16.86 3.36 -1.64
N ARG B 476 15.53 3.56 -1.78
CA ARG B 476 14.75 2.46 -2.37
C ARG B 476 15.06 2.32 -3.86
N ASN B 477 15.46 3.45 -4.53
CA ASN B 477 15.85 3.41 -5.95
C ASN B 477 17.22 2.75 -6.12
N MET B 478 18.09 2.92 -5.13
CA MET B 478 19.42 2.34 -5.09
C MET B 478 19.34 0.80 -5.00
N VAL B 479 18.51 0.28 -4.09
CA VAL B 479 18.33 -1.16 -3.89
C VAL B 479 17.66 -1.79 -5.13
N HIS B 480 16.68 -1.07 -5.73
CA HIS B 480 16.00 -1.49 -6.96
C HIS B 480 16.99 -1.51 -8.14
N ALA B 481 17.82 -0.45 -8.30
CA ALA B 481 18.86 -0.37 -9.35
C ALA B 481 19.89 -1.50 -9.16
N ALA B 482 20.31 -1.78 -7.90
CA ALA B 482 21.21 -2.87 -7.56
C ALA B 482 20.57 -4.21 -7.95
N ASP B 483 19.26 -4.37 -7.73
CA ASP B 483 18.49 -5.56 -8.08
C ASP B 483 18.40 -5.72 -9.63
N LEU B 484 18.44 -4.60 -10.36
CA LEU B 484 18.40 -4.59 -11.82
C LEU B 484 19.79 -4.21 -12.40
N SER B 485 20.88 -4.70 -11.78
CA SER B 485 22.24 -4.36 -12.20
C SER B 485 22.94 -5.40 -13.08
N ASN B 486 22.39 -6.63 -13.21
CA ASN B 486 23.00 -7.68 -14.05
C ASN B 486 23.38 -7.22 -15.46
N PRO B 487 22.48 -6.51 -16.21
CA PRO B 487 22.88 -6.04 -17.55
C PRO B 487 23.99 -4.98 -17.56
N THR B 488 24.30 -4.34 -16.40
CA THR B 488 25.34 -3.29 -16.25
C THR B 488 26.71 -3.84 -15.88
N LYS B 489 26.79 -5.16 -15.63
CA LYS B 489 28.03 -5.87 -15.27
C LYS B 489 28.73 -6.33 -16.54
N SER B 490 30.01 -6.72 -16.46
CA SER B 490 30.73 -7.21 -17.65
C SER B 490 29.96 -8.38 -18.28
N LEU B 491 30.00 -8.50 -19.62
CA LEU B 491 29.30 -9.54 -20.37
C LEU B 491 29.41 -10.94 -19.76
N GLU B 492 30.61 -11.34 -19.33
CA GLU B 492 30.89 -12.63 -18.70
C GLU B 492 29.98 -12.86 -17.47
N LEU B 493 29.76 -11.80 -16.66
CA LEU B 493 28.91 -11.90 -15.48
C LEU B 493 27.45 -11.94 -15.89
N TYR B 494 27.04 -10.98 -16.74
CA TYR B 494 25.68 -10.83 -17.26
C TYR B 494 25.16 -12.13 -17.93
N ARG B 495 25.97 -12.77 -18.80
CA ARG B 495 25.59 -14.01 -19.46
C ARG B 495 25.27 -15.14 -18.49
N GLN B 496 26.03 -15.20 -17.37
CA GLN B 496 25.80 -16.17 -16.30
C GLN B 496 24.50 -15.87 -15.54
N TRP B 497 24.16 -14.56 -15.34
CA TRP B 497 22.90 -14.19 -14.67
C TRP B 497 21.70 -14.55 -15.56
N THR B 498 21.77 -14.23 -16.87
CA THR B 498 20.72 -14.56 -17.86
C THR B 498 20.44 -16.08 -17.89
N ASP B 499 21.48 -16.92 -17.85
CA ASP B 499 21.30 -18.37 -17.84
C ASP B 499 20.47 -18.80 -16.64
N ARG B 500 20.81 -18.25 -15.46
CA ARG B 500 20.14 -18.52 -14.19
C ARG B 500 18.70 -18.02 -14.19
N ILE B 501 18.43 -16.77 -14.61
CA ILE B 501 17.05 -16.29 -14.60
C ILE B 501 16.19 -17.13 -15.54
N MET B 502 16.73 -17.51 -16.74
CA MET B 502 16.04 -18.37 -17.70
C MET B 502 15.75 -19.75 -17.14
N GLU B 503 16.75 -20.38 -16.50
CA GLU B 503 16.63 -21.68 -15.84
C GLU B 503 15.49 -21.65 -14.80
N GLU B 504 15.37 -20.54 -14.04
CA GLU B 504 14.34 -20.39 -13.03
C GLU B 504 12.95 -20.25 -13.64
N PHE B 505 12.82 -19.42 -14.69
CA PHE B 505 11.58 -19.24 -15.45
C PHE B 505 11.13 -20.60 -16.00
N PHE B 506 12.05 -21.38 -16.59
CA PHE B 506 11.76 -22.71 -17.15
C PHE B 506 11.31 -23.70 -16.07
N GLN B 507 11.94 -23.68 -14.88
CA GLN B 507 11.52 -24.52 -13.75
C GLN B 507 10.04 -24.21 -13.41
N GLN B 508 9.62 -22.91 -13.45
CA GLN B 508 8.23 -22.49 -13.19
C GLN B 508 7.30 -23.05 -14.24
N GLY B 509 7.74 -23.01 -15.50
CA GLY B 509 7.02 -23.55 -16.65
C GLY B 509 6.72 -25.01 -16.50
N ASP B 510 7.65 -25.77 -15.89
CA ASP B 510 7.49 -27.19 -15.62
C ASP B 510 6.37 -27.40 -14.61
N LYS B 511 6.32 -26.52 -13.57
CA LYS B 511 5.29 -26.53 -12.53
C LYS B 511 3.92 -26.21 -13.15
N GLU B 512 3.84 -25.23 -14.07
CA GLU B 512 2.59 -24.88 -14.74
C GLU B 512 2.09 -26.05 -15.64
N ARG B 513 3.03 -26.75 -16.29
CA ARG B 513 2.70 -27.89 -17.15
C ARG B 513 2.14 -29.06 -16.35
N GLU B 514 2.75 -29.42 -15.21
CA GLU B 514 2.32 -30.50 -14.31
C GLU B 514 0.96 -30.19 -13.66
N ARG B 515 0.60 -28.87 -13.57
CA ARG B 515 -0.65 -28.40 -12.98
CA ARG B 515 -0.66 -28.39 -12.99
C ARG B 515 -1.76 -28.19 -14.03
N GLY B 516 -1.41 -28.34 -15.31
CA GLY B 516 -2.34 -28.18 -16.44
C GLY B 516 -2.66 -26.75 -16.75
N MET B 517 -1.84 -25.83 -16.23
CA MET B 517 -1.97 -24.39 -16.41
C MET B 517 -1.42 -23.98 -17.75
N GLU B 518 -1.82 -22.79 -18.22
CA GLU B 518 -1.25 -22.22 -19.42
C GLU B 518 0.17 -21.72 -19.07
N ILE B 519 1.17 -22.11 -19.87
CA ILE B 519 2.58 -21.76 -19.66
C ILE B 519 2.77 -20.23 -19.80
N SER B 520 3.41 -19.62 -18.79
CA SER B 520 3.69 -18.18 -18.75
C SER B 520 4.68 -17.75 -19.87
N PRO B 521 4.62 -16.49 -20.36
CA PRO B 521 5.61 -16.03 -21.35
C PRO B 521 7.02 -16.08 -20.75
N MET B 522 7.95 -16.61 -21.48
CA MET B 522 9.34 -16.85 -21.10
C MET B 522 9.58 -18.15 -20.32
N ALA B 523 8.53 -18.79 -19.79
CA ALA B 523 8.66 -20.01 -18.98
C ALA B 523 8.78 -21.31 -19.81
N ASP B 524 8.49 -21.26 -21.12
CA ASP B 524 8.67 -22.46 -21.94
C ASP B 524 10.08 -22.50 -22.52
N LYS B 525 10.87 -23.49 -22.04
CA LYS B 525 12.25 -23.76 -22.40
C LYS B 525 12.42 -24.05 -23.90
N HIS B 526 11.31 -24.38 -24.59
CA HIS B 526 11.24 -24.68 -26.02
C HIS B 526 10.91 -23.46 -26.88
N THR B 527 10.29 -22.40 -26.31
CA THR B 527 9.88 -21.27 -27.15
C THR B 527 10.45 -19.91 -26.73
N ALA B 528 11.15 -19.81 -25.57
CA ALA B 528 11.72 -18.57 -25.04
C ALA B 528 12.74 -17.90 -26.00
N CYS B 529 12.54 -16.59 -26.27
CA CYS B 529 13.34 -15.70 -27.12
C CYS B 529 14.26 -14.92 -26.15
N VAL B 530 15.28 -15.62 -25.64
CA VAL B 530 16.24 -15.17 -24.62
C VAL B 530 16.89 -13.82 -24.97
N GLU B 531 17.44 -13.69 -26.18
CA GLU B 531 18.13 -12.49 -26.65
C GLU B 531 17.20 -11.29 -26.79
N LYS B 532 16.06 -11.45 -27.52
CA LYS B 532 15.05 -10.38 -27.69
C LYS B 532 14.52 -9.89 -26.33
N SER B 533 14.38 -10.80 -25.37
CA SER B 533 13.93 -10.46 -24.00
C SER B 533 14.91 -9.55 -23.31
N GLN B 534 16.21 -9.85 -23.44
CA GLN B 534 17.29 -9.05 -22.86
C GLN B 534 17.33 -7.67 -23.47
N VAL B 535 17.05 -7.57 -24.77
CA VAL B 535 17.02 -6.27 -25.47
C VAL B 535 15.81 -5.45 -25.02
N GLY B 536 14.64 -6.10 -24.90
CA GLY B 536 13.42 -5.47 -24.42
C GLY B 536 13.59 -4.98 -22.99
N PHE B 537 14.12 -5.87 -22.13
CA PHE B 537 14.37 -5.59 -20.71
C PHE B 537 15.28 -4.37 -20.54
N ILE B 538 16.36 -4.30 -21.36
CA ILE B 538 17.26 -3.16 -21.30
C ILE B 538 16.60 -1.89 -21.84
N ASP B 539 16.00 -1.96 -23.04
CA ASP B 539 15.38 -0.81 -23.68
C ASP B 539 14.26 -0.19 -22.87
N TYR B 540 13.38 -1.01 -22.30
CA TYR B 540 12.20 -0.55 -21.60
C TYR B 540 12.35 -0.39 -20.10
N ILE B 541 13.26 -1.14 -19.45
CA ILE B 541 13.33 -1.06 -17.99
C ILE B 541 14.71 -0.68 -17.45
N VAL B 542 15.77 -1.43 -17.80
CA VAL B 542 17.11 -1.23 -17.23
C VAL B 542 17.77 0.09 -17.68
N HIS B 543 17.73 0.40 -18.99
CA HIS B 543 18.35 1.64 -19.48
C HIS B 543 17.63 2.90 -18.97
N PRO B 544 16.26 3.01 -19.03
CA PRO B 544 15.61 4.21 -18.47
C PRO B 544 15.91 4.45 -16.99
N LEU B 545 16.00 3.37 -16.16
CA LEU B 545 16.31 3.49 -14.74
C LEU B 545 17.75 3.98 -14.49
N TRP B 546 18.73 3.31 -15.12
CA TRP B 546 20.15 3.63 -14.98
C TRP B 546 20.54 4.97 -15.55
N GLU B 547 19.82 5.42 -16.61
CA GLU B 547 20.05 6.73 -17.21
C GLU B 547 19.62 7.83 -16.22
N THR B 548 18.47 7.60 -15.52
CA THR B 548 17.94 8.51 -14.50
C THR B 548 18.86 8.54 -13.29
N TRP B 549 19.37 7.36 -12.85
CA TRP B 549 20.33 7.27 -11.75
C TRP B 549 21.60 8.04 -12.12
N ALA B 550 22.13 7.83 -13.35
CA ALA B 550 23.34 8.51 -13.82
C ALA B 550 23.21 10.02 -13.85
N ASP B 551 21.99 10.54 -14.16
CA ASP B 551 21.70 11.99 -14.16
C ASP B 551 21.77 12.51 -12.73
N LEU B 552 21.21 11.76 -11.76
CA LEU B 552 21.23 12.11 -10.34
C LEU B 552 22.65 12.18 -9.76
N VAL B 553 23.52 11.19 -10.10
CA VAL B 553 24.87 11.10 -9.53
C VAL B 553 26.00 11.49 -10.51
N GLN B 554 25.69 12.20 -11.62
CA GLN B 554 26.68 12.63 -12.63
C GLN B 554 27.96 13.24 -12.02
N PRO B 555 29.18 12.88 -12.51
CA PRO B 555 29.51 12.00 -13.66
C PRO B 555 29.70 10.51 -13.35
N ASP B 556 29.63 10.11 -12.06
CA ASP B 556 29.76 8.71 -11.64
C ASP B 556 28.67 7.91 -12.38
N ALA B 557 28.88 6.62 -12.60
CA ALA B 557 27.93 5.73 -13.30
C ALA B 557 27.97 5.86 -14.83
N GLN B 558 28.85 6.73 -15.36
CA GLN B 558 29.02 6.81 -16.82
C GLN B 558 29.53 5.47 -17.37
N ASP B 559 30.50 4.83 -16.67
CA ASP B 559 31.01 3.52 -17.05
C ASP B 559 29.90 2.46 -16.97
N ILE B 560 29.03 2.53 -15.94
CA ILE B 560 27.89 1.59 -15.79
C ILE B 560 27.02 1.67 -17.07
N LEU B 561 26.71 2.91 -17.48
CA LEU B 561 25.92 3.21 -18.66
C LEU B 561 26.58 2.75 -19.97
N ASP B 562 27.93 2.86 -20.06
CA ASP B 562 28.66 2.46 -21.26
C ASP B 562 28.59 0.94 -21.50
N THR B 563 28.77 0.15 -20.41
CA THR B 563 28.72 -1.32 -20.36
C THR B 563 27.33 -1.80 -20.77
N LEU B 564 26.28 -1.20 -20.16
CA LEU B 564 24.86 -1.52 -20.40
C LEU B 564 24.55 -1.48 -21.89
N GLU B 565 25.02 -0.41 -22.56
CA GLU B 565 24.85 -0.19 -23.99
C GLU B 565 25.60 -1.26 -24.80
N ASP B 566 26.84 -1.63 -24.36
CA ASP B 566 27.63 -2.66 -25.03
C ASP B 566 26.92 -4.02 -24.96
N ASN B 567 26.48 -4.41 -23.74
CA ASN B 567 25.76 -5.65 -23.48
C ASN B 567 24.45 -5.72 -24.25
N ARG B 568 23.74 -4.58 -24.36
CA ARG B 568 22.51 -4.51 -25.12
C ARG B 568 22.80 -4.80 -26.60
N ASN B 569 23.83 -4.14 -27.17
CA ASN B 569 24.22 -4.34 -28.57
C ASN B 569 24.71 -5.74 -28.82
N TRP B 570 25.40 -6.36 -27.84
CA TRP B 570 25.86 -7.75 -27.94
C TRP B 570 24.65 -8.68 -28.06
N TYR B 571 23.70 -8.59 -27.11
CA TYR B 571 22.46 -9.38 -27.14
C TYR B 571 21.67 -9.17 -28.44
N GLN B 572 21.58 -7.89 -28.92
CA GLN B 572 20.90 -7.55 -30.17
C GLN B 572 21.55 -8.27 -31.35
N ALA B 573 22.89 -8.25 -31.42
CA ALA B 573 23.69 -8.93 -32.45
C ALA B 573 23.57 -10.46 -32.37
N MET B 574 23.23 -11.00 -31.17
CA MET B 574 23.06 -12.44 -30.95
C MET B 574 21.64 -12.98 -31.21
N ILE B 575 20.70 -12.11 -31.65
CA ILE B 575 19.32 -12.55 -31.95
C ILE B 575 19.32 -13.49 -33.17
N PRO B 576 18.78 -14.74 -33.04
CA PRO B 576 18.76 -15.64 -34.20
C PRO B 576 17.69 -15.23 -35.21
#